data_4F66
#
_entry.id   4F66
#
_cell.length_a   58.665
_cell.length_b   92.449
_cell.length_c   94.351
_cell.angle_alpha   90.00
_cell.angle_beta   101.32
_cell.angle_gamma   90.00
#
_symmetry.space_group_name_H-M   'P 1 21 1'
#
loop_
_entity.id
_entity.type
_entity.pdbx_description
1 polymer 'Putative phospho-beta-glucosidase'
2 non-polymer 6-O-phosphono-beta-D-glucopyranose
3 non-polymer 1,2-ETHANEDIOL
4 non-polymer 'FORMIC ACID'
5 water water
#
_entity_poly.entity_id   1
_entity_poly.type   'polypeptide(L)'
_entity_poly.pdbx_seq_one_letter_code
;SNAMSKLPENFLWGGAVAAHQLEGGWQEGGKGISVADVMTAGRHGVAREITAGVLEGKYYPNHEAIDFYHHYKEDVKLFA
EMGFKCFRTSIAWTRIFPKGDEAEPNEAGLQFYDDLFDECLKYGIEPVVTLSHFELPYHLVTEYGGFTNRKVIDFFVHFA
EVCFRRYKDKVKYWMTFNEINNQANYQEDFAPFTNSGIVYKEGDDREAIMYQAAHYELVASARAVKIGHAINPNLNIGCM
VAMCPIYPATCNPKDILMAQKAMQKRYYFADVHVHGFYPEHIFKYWERKAIKVDFTERDKKDLFEGTVDYIGFSYYMSFV
IDAHRENNPYYDYLETEDLVKNPYVKASDWDWQIDPQGLRYALNWFTDMYHLPLFIVENGFGAIDQVEADGMVHDDYRID
YLGAHIKEMIKAVDEDGVELMGYTPWGCIDLVSAGTGEMRKRYGFIYVDKDDEGKGTLKRSPKLSFNWYKEVIASNGDDI
;
_entity_poly.pdbx_strand_id   A,B
#
# COMPACT_ATOMS: atom_id res chain seq x y z
N ALA A 3 -23.00 23.09 -14.18
CA ALA A 3 -21.69 22.70 -14.71
C ALA A 3 -20.61 22.75 -13.63
N MET A 4 -20.39 21.61 -12.96
CA MET A 4 -19.46 21.53 -11.85
C MET A 4 -18.00 21.44 -12.30
N SER A 5 -17.09 21.83 -11.42
CA SER A 5 -15.67 21.71 -11.71
CA SER A 5 -15.66 21.72 -11.68
C SER A 5 -15.15 20.32 -11.31
N LYS A 6 -13.94 20.01 -11.73
CA LYS A 6 -13.34 18.72 -11.39
C LYS A 6 -13.07 18.62 -9.88
N LEU A 7 -12.69 19.73 -9.27
CA LEU A 7 -12.51 19.78 -7.82
C LEU A 7 -13.81 20.17 -7.12
N PRO A 8 -13.99 19.72 -5.88
CA PRO A 8 -15.23 20.08 -5.16
C PRO A 8 -15.31 21.58 -4.88
N GLU A 9 -16.52 22.09 -4.68
CA GLU A 9 -16.73 23.51 -4.47
C GLU A 9 -16.08 24.02 -3.19
N ASN A 10 -16.02 23.19 -2.17
CA ASN A 10 -15.51 23.64 -0.88
C ASN A 10 -14.00 23.50 -0.76
N PHE A 11 -13.33 23.26 -1.88
CA PHE A 11 -11.89 23.00 -1.88
C PHE A 11 -11.10 24.08 -1.18
N LEU A 12 -10.23 23.68 -0.24
CA LEU A 12 -9.50 24.65 0.57
C LEU A 12 -8.21 25.12 -0.10
N TRP A 13 -8.35 26.03 -1.07
CA TRP A 13 -7.18 26.68 -1.63
C TRP A 13 -6.62 27.66 -0.60
N GLY A 14 -5.30 27.70 -0.43
CA GLY A 14 -4.74 28.67 0.48
C GLY A 14 -3.27 28.87 0.27
N GLY A 15 -2.55 29.12 1.36
CA GLY A 15 -1.10 29.23 1.35
C GLY A 15 -0.63 28.84 2.73
N ALA A 16 0.64 28.44 2.83
CA ALA A 16 1.19 27.94 4.08
C ALA A 16 2.52 28.58 4.44
N VAL A 17 2.72 28.79 5.74
CA VAL A 17 3.96 29.30 6.30
C VAL A 17 4.17 28.62 7.66
N ALA A 18 5.23 29.01 8.36
CA ALA A 18 5.47 28.57 9.74
C ALA A 18 5.93 29.78 10.55
N ALA A 19 5.48 29.85 11.80
CA ALA A 19 5.73 31.02 12.64
C ALA A 19 7.19 31.49 12.61
N HIS A 20 8.12 30.58 12.90
CA HIS A 20 9.52 30.96 13.03
C HIS A 20 10.14 31.46 11.73
N GLN A 21 9.54 31.10 10.61
CA GLN A 21 10.11 31.47 9.31
C GLN A 21 9.66 32.85 8.84
N LEU A 22 8.58 33.40 9.40
CA LEU A 22 8.12 34.72 8.95
C LEU A 22 7.85 35.76 10.03
N GLU A 23 7.52 35.34 11.23
CA GLU A 23 7.01 36.29 12.23
C GLU A 23 8.00 37.36 12.67
N GLY A 24 9.25 36.97 12.94
CA GLY A 24 10.15 37.88 13.63
C GLY A 24 9.60 38.10 15.02
N GLY A 25 9.82 39.29 15.58
CA GLY A 25 9.37 39.57 16.95
C GLY A 25 9.78 38.46 17.89
N TRP A 26 11.01 38.00 17.75
CA TRP A 26 11.46 36.79 18.44
C TRP A 26 11.53 36.93 19.97
N GLN A 27 11.48 38.15 20.48
CA GLN A 27 11.47 38.37 21.93
C GLN A 27 10.20 39.07 22.39
N GLU A 28 9.33 39.40 21.44
CA GLU A 28 8.14 40.17 21.76
C GLU A 28 7.18 39.37 22.63
N GLY A 29 6.45 40.08 23.49
CA GLY A 29 5.43 39.46 24.30
C GLY A 29 5.93 38.37 25.23
N GLY A 30 7.21 38.40 25.57
CA GLY A 30 7.78 37.43 26.48
C GLY A 30 8.12 36.09 25.81
N LYS A 31 8.17 36.08 24.48
CA LYS A 31 8.47 34.85 23.75
C LYS A 31 9.82 34.26 24.13
N GLY A 32 9.87 32.95 24.32
CA GLY A 32 11.11 32.28 24.64
C GLY A 32 11.96 31.96 23.41
N ILE A 33 13.24 31.66 23.66
CA ILE A 33 14.15 31.25 22.61
C ILE A 33 13.74 29.88 22.09
N SER A 34 13.54 29.78 20.78
CA SER A 34 13.21 28.49 20.18
C SER A 34 14.45 27.86 19.54
N VAL A 35 14.33 26.62 19.10
CA VAL A 35 15.41 25.98 18.37
C VAL A 35 15.77 26.73 17.08
N ALA A 36 14.77 27.36 16.46
CA ALA A 36 15.03 28.15 15.26
C ALA A 36 15.95 29.33 15.58
N ASP A 37 15.82 29.86 16.79
CA ASP A 37 16.55 31.05 17.19
C ASP A 37 18.04 30.80 17.42
N VAL A 38 18.46 29.53 17.39
CA VAL A 38 19.88 29.21 17.54
C VAL A 38 20.49 28.57 16.29
N MET A 39 19.83 28.76 15.14
CA MET A 39 20.33 28.26 13.87
C MET A 39 20.75 29.42 12.98
N THR A 40 22.02 29.45 12.60
CA THR A 40 22.53 30.55 11.76
C THR A 40 22.13 30.37 10.30
N ALA A 41 22.29 31.42 9.51
CA ALA A 41 22.04 31.34 8.09
C ALA A 41 23.12 30.53 7.38
N GLY A 42 22.69 29.75 6.38
CA GLY A 42 23.61 29.04 5.52
C GLY A 42 23.30 29.36 4.06
N ARG A 43 23.65 28.46 3.16
CA ARG A 43 23.29 28.57 1.75
C ARG A 43 23.36 27.18 1.18
N HIS A 44 23.10 27.05 -0.13
CA HIS A 44 23.12 25.73 -0.73
C HIS A 44 24.50 25.11 -0.60
N GLY A 45 24.57 23.94 0.03
CA GLY A 45 25.83 23.23 0.21
C GLY A 45 26.56 23.64 1.47
N VAL A 46 25.97 24.56 2.23
CA VAL A 46 26.58 25.02 3.47
C VAL A 46 25.56 24.91 4.58
N ALA A 47 25.79 23.99 5.50
CA ALA A 47 24.82 23.72 6.57
C ALA A 47 24.68 24.92 7.51
N ARG A 48 23.47 25.12 8.00
CA ARG A 48 23.25 26.10 9.05
C ARG A 48 23.98 25.62 10.29
N GLU A 49 24.55 26.56 11.04
CA GLU A 49 25.21 26.22 12.30
C GLU A 49 24.17 26.18 13.43
N ILE A 50 24.16 25.07 14.17
CA ILE A 50 23.28 24.93 15.33
C ILE A 50 24.13 25.25 16.55
N THR A 51 23.91 26.42 17.14
CA THR A 51 24.78 26.90 18.19
C THR A 51 24.20 26.66 19.59
N ALA A 52 25.07 26.70 20.60
CA ALA A 52 24.64 26.47 21.97
C ALA A 52 24.17 27.79 22.60
N GLY A 53 22.93 28.16 22.33
CA GLY A 53 22.41 29.45 22.72
C GLY A 53 22.68 30.47 21.64
N VAL A 54 22.22 31.70 21.86
CA VAL A 54 22.43 32.77 20.88
C VAL A 54 23.80 33.40 21.12
N LEU A 55 24.70 33.22 20.16
CA LEU A 55 26.09 33.67 20.33
C LEU A 55 26.35 34.99 19.60
N GLU A 56 27.27 35.76 20.15
CA GLU A 56 27.69 37.01 19.52
C GLU A 56 28.47 36.70 18.24
N GLY A 57 28.30 37.54 17.23
CA GLY A 57 29.02 37.37 15.98
C GLY A 57 28.41 36.37 15.02
N LYS A 58 27.26 35.82 15.39
CA LYS A 58 26.54 34.91 14.50
C LYS A 58 25.28 35.57 13.96
N TYR A 59 24.87 35.20 12.75
CA TYR A 59 23.68 35.78 12.15
C TYR A 59 22.52 34.79 12.17
N TYR A 60 21.47 35.18 12.89
CA TYR A 60 20.29 34.34 13.06
C TYR A 60 19.11 34.96 12.32
N PRO A 61 18.83 34.47 11.11
CA PRO A 61 17.80 35.11 10.26
C PRO A 61 16.37 35.01 10.78
N ASN A 62 16.08 34.08 11.70
CA ASN A 62 14.72 33.92 12.20
C ASN A 62 14.33 34.94 13.27
N HIS A 63 15.32 35.65 13.81
CA HIS A 63 15.03 36.62 14.86
C HIS A 63 14.09 37.71 14.34
N GLU A 64 14.38 38.24 13.15
CA GLU A 64 13.52 39.25 12.54
C GLU A 64 12.69 38.72 11.37
N ALA A 65 13.22 37.74 10.64
CA ALA A 65 12.50 37.19 9.48
C ALA A 65 11.92 38.31 8.62
N ILE A 66 10.61 38.26 8.33
CA ILE A 66 9.99 39.34 7.55
C ILE A 66 9.04 40.20 8.40
N ASP A 67 9.15 40.08 9.71
CA ASP A 67 8.39 40.92 10.64
C ASP A 67 6.88 40.83 10.42
N PHE A 68 6.41 39.62 10.09
CA PHE A 68 4.98 39.36 9.95
C PHE A 68 4.26 39.61 11.28
N TYR A 69 4.99 39.48 12.39
CA TYR A 69 4.43 39.81 13.70
C TYR A 69 3.83 41.21 13.70
N HIS A 70 4.45 42.13 12.99
CA HIS A 70 3.96 43.51 12.93
C HIS A 70 3.16 43.81 11.67
N HIS A 71 3.44 43.08 10.58
CA HIS A 71 2.79 43.41 9.32
CA HIS A 71 2.87 43.32 9.25
C HIS A 71 1.61 42.50 8.97
N TYR A 72 1.25 41.60 9.88
CA TYR A 72 0.27 40.58 9.51
C TYR A 72 -1.08 41.11 8.97
N LYS A 73 -1.53 42.26 9.44
CA LYS A 73 -2.82 42.76 8.95
C LYS A 73 -2.74 43.08 7.45
N GLU A 74 -1.66 43.71 7.04
CA GLU A 74 -1.46 44.02 5.63
C GLU A 74 -1.21 42.75 4.81
N ASP A 75 -0.48 41.79 5.37
CA ASP A 75 -0.22 40.55 4.67
C ASP A 75 -1.50 39.73 4.50
N VAL A 76 -2.32 39.66 5.55
CA VAL A 76 -3.56 38.90 5.44
C VAL A 76 -4.47 39.54 4.38
N LYS A 77 -4.41 40.85 4.27
CA LYS A 77 -5.16 41.55 3.23
C LYS A 77 -4.72 41.09 1.82
N LEU A 78 -3.43 40.83 1.64
CA LEU A 78 -2.94 40.30 0.36
C LEU A 78 -3.44 38.87 0.12
N PHE A 79 -3.44 38.05 1.16
CA PHE A 79 -3.99 36.71 1.03
C PHE A 79 -5.45 36.79 0.60
N ALA A 80 -6.17 37.76 1.15
CA ALA A 80 -7.59 37.93 0.83
C ALA A 80 -7.76 38.39 -0.62
N GLU A 81 -6.84 39.24 -1.09
CA GLU A 81 -6.86 39.69 -2.47
C GLU A 81 -6.68 38.52 -3.43
N MET A 82 -5.87 37.54 -3.06
CA MET A 82 -5.72 36.34 -3.87
C MET A 82 -6.93 35.42 -3.72
N GLY A 83 -7.75 35.69 -2.71
CA GLY A 83 -8.96 34.92 -2.46
C GLY A 83 -8.74 33.62 -1.72
N PHE A 84 -7.72 33.56 -0.87
CA PHE A 84 -7.47 32.37 -0.08
C PHE A 84 -8.75 31.90 0.63
N LYS A 85 -8.96 30.58 0.63
CA LYS A 85 -10.03 29.98 1.43
C LYS A 85 -9.52 29.61 2.82
N CYS A 86 -8.22 29.43 2.93
CA CYS A 86 -7.61 29.08 4.19
C CYS A 86 -6.17 29.60 4.24
N PHE A 87 -5.60 29.63 5.44
CA PHE A 87 -4.22 30.06 5.63
C PHE A 87 -3.60 29.16 6.69
N ARG A 88 -2.54 28.46 6.30
CA ARG A 88 -1.86 27.56 7.22
C ARG A 88 -0.64 28.22 7.84
N THR A 89 -0.55 28.18 9.16
CA THR A 89 0.65 28.60 9.83
C THR A 89 0.81 27.74 11.08
N SER A 90 1.84 28.02 11.87
CA SER A 90 2.00 27.34 13.15
C SER A 90 1.76 28.32 14.30
N ILE A 91 1.35 27.78 15.43
CA ILE A 91 1.36 28.53 16.68
C ILE A 91 2.73 28.34 17.29
N ALA A 92 3.48 29.44 17.44
CA ALA A 92 4.82 29.36 18.01
C ALA A 92 4.75 28.83 19.44
N TRP A 93 5.26 27.62 19.66
CA TRP A 93 5.26 27.02 20.98
C TRP A 93 5.88 27.99 22.00
N THR A 94 6.98 28.64 21.62
CA THR A 94 7.64 29.55 22.55
C THR A 94 6.88 30.84 22.85
N ARG A 95 5.83 31.16 22.08
CA ARG A 95 4.99 32.31 22.45
C ARG A 95 3.98 31.92 23.52
N ILE A 96 3.68 30.63 23.62
CA ILE A 96 2.67 30.19 24.58
C ILE A 96 3.35 29.65 25.84
N PHE A 97 4.41 28.87 25.63
CA PHE A 97 5.22 28.37 26.74
C PHE A 97 6.68 28.65 26.44
N PRO A 98 7.14 29.86 26.81
CA PRO A 98 8.50 30.31 26.48
C PRO A 98 9.59 29.32 26.83
N LYS A 99 9.50 28.68 27.99
CA LYS A 99 10.47 27.66 28.38
C LYS A 99 9.96 26.25 28.07
N GLY A 100 8.65 26.07 28.14
CA GLY A 100 8.02 24.80 27.81
C GLY A 100 7.37 24.12 29.00
N ASP A 101 7.93 24.36 30.19
CA ASP A 101 7.50 23.65 31.38
C ASP A 101 6.73 24.52 32.37
N GLU A 102 6.29 25.70 31.93
CA GLU A 102 5.49 26.59 32.77
C GLU A 102 4.15 25.95 33.14
N ALA A 103 3.63 26.27 34.33
CA ALA A 103 2.33 25.75 34.74
C ALA A 103 1.18 26.43 33.98
N GLU A 104 1.40 27.67 33.56
CA GLU A 104 0.36 28.49 32.92
C GLU A 104 0.85 29.07 31.60
N PRO A 105 -0.04 29.19 30.62
CA PRO A 105 0.37 29.75 29.32
C PRO A 105 0.58 31.26 29.36
N ASN A 106 1.22 31.77 28.32
CA ASN A 106 1.49 33.20 28.19
C ASN A 106 0.34 33.89 27.47
N GLU A 107 -0.30 34.83 28.16
CA GLU A 107 -1.49 35.50 27.61
C GLU A 107 -1.17 36.34 26.38
N ALA A 108 -0.02 37.00 26.38
CA ALA A 108 0.36 37.83 25.25
C ALA A 108 0.52 36.98 23.99
N GLY A 109 1.04 35.77 24.15
CA GLY A 109 1.18 34.85 23.04
C GLY A 109 -0.18 34.41 22.52
N LEU A 110 -1.06 34.04 23.45
CA LEU A 110 -2.40 33.59 23.06
C LEU A 110 -3.14 34.73 22.38
N GLN A 111 -2.97 35.95 22.88
CA GLN A 111 -3.64 37.08 22.27
C GLN A 111 -3.16 37.35 20.84
N PHE A 112 -1.88 37.14 20.58
CA PHE A 112 -1.40 37.35 19.21
C PHE A 112 -2.16 36.47 18.23
N TYR A 113 -2.33 35.19 18.56
CA TYR A 113 -3.00 34.29 17.62
C TYR A 113 -4.50 34.55 17.54
N ASP A 114 -5.10 34.99 18.63
CA ASP A 114 -6.46 35.50 18.55
C ASP A 114 -6.53 36.61 17.50
N ASP A 115 -5.60 37.57 17.58
CA ASP A 115 -5.58 38.69 16.65
C ASP A 115 -5.38 38.21 15.22
N LEU A 116 -4.42 37.31 15.03
CA LEU A 116 -4.14 36.78 13.70
C LEU A 116 -5.33 36.00 13.13
N PHE A 117 -5.88 35.08 13.92
CA PHE A 117 -6.97 34.26 13.42
C PHE A 117 -8.21 35.10 13.16
N ASP A 118 -8.46 36.07 14.04
CA ASP A 118 -9.57 36.99 13.84
C ASP A 118 -9.44 37.74 12.51
N GLU A 119 -8.22 38.18 12.21
CA GLU A 119 -7.98 38.93 10.97
C GLU A 119 -8.27 38.04 9.76
N CYS A 120 -7.80 36.80 9.81
CA CYS A 120 -8.09 35.86 8.73
C CYS A 120 -9.60 35.71 8.54
N LEU A 121 -10.30 35.50 9.64
CA LEU A 121 -11.72 35.22 9.57
C LEU A 121 -12.52 36.44 9.09
N LYS A 122 -11.99 37.64 9.27
CA LYS A 122 -12.64 38.85 8.75
C LYS A 122 -12.80 38.76 7.24
N TYR A 123 -11.91 38.03 6.59
CA TYR A 123 -11.93 37.88 5.14
C TYR A 123 -12.43 36.51 4.72
N GLY A 124 -12.96 35.76 5.67
CA GLY A 124 -13.45 34.42 5.35
C GLY A 124 -12.35 33.41 5.08
N ILE A 125 -11.16 33.67 5.62
CA ILE A 125 -10.03 32.77 5.47
C ILE A 125 -9.95 31.87 6.71
N GLU A 126 -10.11 30.57 6.51
CA GLU A 126 -10.06 29.60 7.60
C GLU A 126 -8.63 29.29 8.02
N PRO A 127 -8.30 29.51 9.30
CA PRO A 127 -6.97 29.12 9.77
C PRO A 127 -6.76 27.61 9.72
N VAL A 128 -5.54 27.22 9.38
CA VAL A 128 -5.11 25.82 9.49
C VAL A 128 -3.86 25.85 10.33
N VAL A 129 -3.85 25.15 11.46
CA VAL A 129 -2.77 25.32 12.43
C VAL A 129 -1.94 24.07 12.65
N THR A 130 -0.63 24.22 12.52
CA THR A 130 0.33 23.20 12.90
C THR A 130 0.83 23.51 14.31
N LEU A 131 0.74 22.55 15.22
CA LEU A 131 1.11 22.81 16.60
C LEU A 131 2.62 22.90 16.81
N SER A 132 3.36 21.96 16.22
CA SER A 132 4.82 21.99 16.30
C SER A 132 5.42 22.03 14.93
N HIS A 133 6.12 23.12 14.61
CA HIS A 133 6.78 23.28 13.31
C HIS A 133 8.22 23.81 13.46
N PHE A 134 9.11 22.91 13.86
CA PHE A 134 10.55 23.19 13.92
C PHE A 134 10.90 24.36 14.83
N GLU A 135 10.21 24.49 15.96
CA GLU A 135 10.39 25.69 16.79
C GLU A 135 10.10 25.40 18.26
N LEU A 136 10.47 24.21 18.71
CA LEU A 136 10.26 23.92 20.12
C LEU A 136 11.16 24.78 21.00
N PRO A 137 10.76 24.96 22.27
CA PRO A 137 11.52 25.82 23.15
C PRO A 137 12.93 25.30 23.38
N TYR A 138 13.93 26.17 23.20
CA TYR A 138 15.30 25.74 23.38
C TYR A 138 15.57 25.30 24.83
N HIS A 139 14.82 25.87 25.78
CA HIS A 139 14.93 25.42 27.15
C HIS A 139 14.63 23.92 27.28
N LEU A 140 13.71 23.41 26.48
CA LEU A 140 13.42 21.98 26.55
C LEU A 140 14.61 21.16 26.09
N VAL A 141 15.38 21.69 25.14
CA VAL A 141 16.59 21.03 24.67
C VAL A 141 17.64 20.96 25.79
N THR A 142 17.97 22.10 26.36
CA THR A 142 19.03 22.15 27.35
C THR A 142 18.65 21.49 28.68
N GLU A 143 17.40 21.66 29.10
CA GLU A 143 16.99 21.18 30.41
C GLU A 143 16.58 19.72 30.41
N TYR A 144 15.97 19.25 29.33
CA TYR A 144 15.42 17.89 29.29
C TYR A 144 15.97 16.97 28.21
N GLY A 145 16.69 17.52 27.23
CA GLY A 145 17.10 16.73 26.09
C GLY A 145 16.03 16.68 25.01
N GLY A 146 15.21 17.73 24.97
CA GLY A 146 14.15 17.79 23.96
C GLY A 146 13.22 16.61 24.04
N PHE A 147 12.75 16.15 22.89
CA PHE A 147 11.77 15.07 22.86
C PHE A 147 12.39 13.69 23.08
N THR A 148 13.64 13.62 23.52
CA THR A 148 14.21 12.34 23.97
C THR A 148 13.77 12.01 25.40
N ASN A 149 13.04 12.93 26.04
CA ASN A 149 12.62 12.79 27.43
C ASN A 149 11.11 12.61 27.51
N ARG A 150 10.66 11.55 28.19
CA ARG A 150 9.24 11.29 28.31
C ARG A 150 8.46 12.48 28.91
N LYS A 151 9.12 13.27 29.75
CA LYS A 151 8.49 14.43 30.37
C LYS A 151 7.95 15.42 29.34
N VAL A 152 8.59 15.46 28.18
CA VAL A 152 8.22 16.44 27.18
C VAL A 152 6.88 16.11 26.51
N ILE A 153 6.44 14.86 26.63
CA ILE A 153 5.12 14.50 26.12
C ILE A 153 4.05 15.38 26.77
N ASP A 154 4.05 15.41 28.10
CA ASP A 154 3.06 16.18 28.84
C ASP A 154 3.18 17.68 28.53
N PHE A 155 4.41 18.15 28.31
CA PHE A 155 4.59 19.56 28.01
C PHE A 155 3.90 19.90 26.69
N PHE A 156 4.06 19.03 25.70
CA PHE A 156 3.40 19.24 24.41
C PHE A 156 1.89 19.15 24.52
N VAL A 157 1.41 18.14 25.21
CA VAL A 157 -0.04 17.95 25.32
C VAL A 157 -0.69 19.12 26.08
N HIS A 158 0.00 19.64 27.10
CA HIS A 158 -0.44 20.85 27.82
C HIS A 158 -0.60 22.01 26.84
N PHE A 159 0.45 22.25 26.06
CA PHE A 159 0.45 23.27 25.01
C PHE A 159 -0.70 23.04 24.01
N ALA A 160 -0.86 21.81 23.53
CA ALA A 160 -1.96 21.51 22.60
C ALA A 160 -3.31 21.82 23.23
N GLU A 161 -3.53 21.39 24.47
CA GLU A 161 -4.82 21.55 25.14
C GLU A 161 -5.12 23.03 25.26
N VAL A 162 -4.12 23.81 25.64
CA VAL A 162 -4.30 25.25 25.79
C VAL A 162 -4.76 25.86 24.47
N CYS A 163 -4.14 25.42 23.38
CA CYS A 163 -4.47 25.94 22.06
C CYS A 163 -5.87 25.51 21.61
N PHE A 164 -6.18 24.24 21.78
CA PHE A 164 -7.47 23.73 21.37
C PHE A 164 -8.57 24.50 22.11
N ARG A 165 -8.39 24.71 23.40
CA ARG A 165 -9.41 25.41 24.18
C ARG A 165 -9.56 26.87 23.76
N ARG A 166 -8.44 27.58 23.64
CA ARG A 166 -8.48 28.99 23.29
C ARG A 166 -9.10 29.22 21.92
N TYR A 167 -8.79 28.32 20.97
CA TYR A 167 -9.19 28.53 19.59
C TYR A 167 -10.23 27.53 19.11
N LYS A 168 -10.96 26.93 20.05
CA LYS A 168 -11.91 25.86 19.71
C LYS A 168 -13.02 26.30 18.77
N ASP A 169 -13.32 27.60 18.76
CA ASP A 169 -14.37 28.11 17.88
C ASP A 169 -13.81 29.00 16.77
N LYS A 170 -12.50 28.98 16.58
CA LYS A 170 -11.86 29.78 15.54
C LYS A 170 -11.04 28.98 14.52
N VAL A 171 -10.52 27.82 14.94
CA VAL A 171 -9.68 27.00 14.08
C VAL A 171 -10.32 25.62 13.90
N LYS A 172 -10.60 25.26 12.65
CA LYS A 172 -11.27 24.00 12.34
C LYS A 172 -10.30 22.89 11.98
N TYR A 173 -9.10 23.29 11.55
CA TYR A 173 -8.13 22.37 10.96
C TYR A 173 -6.81 22.47 11.70
N TRP A 174 -6.34 21.33 12.20
CA TRP A 174 -5.15 21.26 13.03
C TRP A 174 -4.27 20.12 12.59
N MET A 175 -2.96 20.28 12.79
CA MET A 175 -2.03 19.17 12.67
C MET A 175 -1.08 19.19 13.86
N THR A 176 -0.56 18.03 14.22
CA THR A 176 0.27 17.97 15.41
C THR A 176 1.76 18.27 15.17
N PHE A 177 2.49 17.33 14.55
CA PHE A 177 3.92 17.53 14.32
C PHE A 177 4.30 17.68 12.85
N ASN A 178 4.83 18.85 12.49
CA ASN A 178 5.23 19.05 11.11
C ASN A 178 6.26 18.04 10.63
N GLU A 179 6.02 17.49 9.44
CA GLU A 179 6.96 16.56 8.79
C GLU A 179 7.65 15.67 9.83
N ILE A 180 6.85 14.94 10.59
CA ILE A 180 7.36 14.19 11.73
C ILE A 180 8.40 13.17 11.29
N ASN A 181 8.33 12.76 10.02
CA ASN A 181 9.18 11.70 9.52
C ASN A 181 10.50 12.18 8.95
N ASN A 182 10.77 13.48 8.95
CA ASN A 182 12.04 13.96 8.38
C ASN A 182 13.23 13.27 9.04
N GLN A 183 13.09 13.04 10.34
CA GLN A 183 14.16 12.44 11.14
C GLN A 183 14.48 10.97 10.80
N ALA A 184 13.71 10.37 9.89
CA ALA A 184 14.14 9.11 9.29
C ALA A 184 15.58 9.30 8.79
N ASN A 185 15.91 10.52 8.39
CA ASN A 185 17.31 10.88 8.13
C ASN A 185 17.98 11.34 9.42
N TYR A 186 18.53 10.37 10.15
CA TYR A 186 19.18 10.63 11.42
C TYR A 186 20.68 10.86 11.23
N GLN A 187 21.17 10.76 10.00
CA GLN A 187 22.61 10.86 9.74
C GLN A 187 23.08 12.29 9.76
N GLU A 188 22.19 13.21 9.40
CA GLU A 188 22.50 14.62 9.46
C GLU A 188 21.87 15.21 10.71
N ASP A 189 22.35 16.38 11.13
CA ASP A 189 21.87 17.00 12.36
C ASP A 189 20.50 17.67 12.21
N PHE A 190 20.17 18.13 11.01
CA PHE A 190 19.00 19.00 10.82
C PHE A 190 17.68 18.42 11.30
N ALA A 191 17.31 17.25 10.82
CA ALA A 191 16.00 16.74 11.14
C ALA A 191 15.86 16.37 12.63
N PRO A 192 16.82 15.61 13.17
CA PRO A 192 16.71 15.34 14.62
C PRO A 192 16.64 16.59 15.50
N PHE A 193 17.36 17.65 15.14
CA PHE A 193 17.28 18.88 15.91
C PHE A 193 15.92 19.59 15.74
N THR A 194 15.47 19.73 14.50
CA THR A 194 14.22 20.46 14.24
C THR A 194 12.94 19.67 14.53
N ASN A 195 12.94 18.37 14.27
CA ASN A 195 11.79 17.57 14.64
C ASN A 195 11.69 17.42 16.14
N SER A 196 12.84 17.31 16.81
CA SER A 196 12.84 16.68 18.13
C SER A 196 13.70 17.32 19.21
N GLY A 197 14.41 18.39 18.87
CA GLY A 197 15.30 19.01 19.84
C GLY A 197 16.43 18.09 20.27
N ILE A 198 16.88 17.23 19.35
CA ILE A 198 18.00 16.34 19.64
C ILE A 198 19.33 17.02 19.30
N VAL A 199 20.21 17.12 20.29
CA VAL A 199 21.59 17.53 20.05
C VAL A 199 22.46 16.33 20.37
N TYR A 200 23.12 15.80 19.35
CA TYR A 200 23.95 14.61 19.50
C TYR A 200 25.34 14.95 20.05
N LYS A 201 25.95 13.96 20.68
CA LYS A 201 27.33 14.06 21.13
C LYS A 201 28.08 12.84 20.64
N GLU A 202 29.41 12.90 20.68
CA GLU A 202 30.22 11.78 20.22
C GLU A 202 29.85 10.51 20.98
N GLY A 203 29.73 9.40 20.25
CA GLY A 203 29.40 8.12 20.84
C GLY A 203 27.92 7.77 20.81
N ASP A 204 27.07 8.74 20.53
CA ASP A 204 25.63 8.51 20.50
C ASP A 204 25.20 7.53 19.42
N ASP A 205 24.24 6.67 19.73
CA ASP A 205 23.57 5.87 18.73
C ASP A 205 22.48 6.77 18.13
N ARG A 206 22.82 7.46 17.05
CA ARG A 206 21.93 8.49 16.50
C ARG A 206 20.57 7.91 16.14
N GLU A 207 20.58 6.71 15.57
CA GLU A 207 19.35 6.08 15.11
C GLU A 207 18.45 5.68 16.28
N ALA A 208 19.02 5.06 17.31
CA ALA A 208 18.25 4.65 18.47
C ALA A 208 17.60 5.85 19.16
N ILE A 209 18.37 6.93 19.31
CA ILE A 209 17.85 8.13 19.94
C ILE A 209 16.70 8.73 19.13
N MET A 210 16.85 8.75 17.81
CA MET A 210 15.78 9.24 16.95
C MET A 210 14.49 8.42 17.14
N TYR A 211 14.59 7.10 17.16
CA TYR A 211 13.38 6.30 17.26
C TYR A 211 12.69 6.54 18.58
N GLN A 212 13.46 6.77 19.62
CA GLN A 212 12.88 7.07 20.91
C GLN A 212 12.10 8.39 20.91
N ALA A 213 12.70 9.44 20.33
CA ALA A 213 12.03 10.74 20.26
C ALA A 213 10.80 10.66 19.37
N ALA A 214 10.93 9.99 18.24
CA ALA A 214 9.79 9.79 17.36
C ALA A 214 8.67 9.07 18.08
N HIS A 215 9.01 8.09 18.91
CA HIS A 215 7.99 7.38 19.66
C HIS A 215 7.25 8.31 20.63
N TYR A 216 8.00 9.10 21.38
CA TYR A 216 7.37 10.02 22.33
C TYR A 216 6.50 11.04 21.59
N GLU A 217 6.94 11.47 20.40
CA GLU A 217 6.12 12.40 19.61
C GLU A 217 4.83 11.76 19.08
N LEU A 218 4.93 10.51 18.65
CA LEU A 218 3.73 9.81 18.20
C LEU A 218 2.75 9.63 19.38
N VAL A 219 3.25 9.32 20.56
CA VAL A 219 2.39 9.25 21.74
C VAL A 219 1.80 10.63 22.06
N ALA A 220 2.63 11.65 22.02
CA ALA A 220 2.15 13.01 22.28
C ALA A 220 1.07 13.41 21.26
N SER A 221 1.28 13.10 19.99
CA SER A 221 0.30 13.38 18.97
C SER A 221 -1.04 12.72 19.29
N ALA A 222 -0.99 11.45 19.66
CA ALA A 222 -2.20 10.70 19.95
C ALA A 222 -2.94 11.30 21.16
N ARG A 223 -2.19 11.70 22.17
CA ARG A 223 -2.80 12.29 23.35
C ARG A 223 -3.37 13.66 23.02
N ALA A 224 -2.73 14.37 22.10
CA ALA A 224 -3.23 15.68 21.68
C ALA A 224 -4.53 15.52 20.90
N VAL A 225 -4.59 14.54 20.01
CA VAL A 225 -5.81 14.28 19.26
C VAL A 225 -6.97 14.03 20.22
N LYS A 226 -6.70 13.25 21.27
CA LYS A 226 -7.78 12.88 22.19
C LYS A 226 -8.30 14.08 22.96
N ILE A 227 -7.41 14.93 23.47
CA ILE A 227 -7.86 16.09 24.23
C ILE A 227 -8.53 17.12 23.32
N GLY A 228 -8.03 17.29 22.10
CA GLY A 228 -8.66 18.20 21.17
C GLY A 228 -10.09 17.81 20.86
N HIS A 229 -10.30 16.54 20.53
CA HIS A 229 -11.64 16.06 20.25
C HIS A 229 -12.54 16.11 21.47
N ALA A 230 -11.96 15.92 22.66
CA ALA A 230 -12.77 16.03 23.88
C ALA A 230 -13.26 17.46 24.11
N ILE A 231 -12.42 18.43 23.73
CA ILE A 231 -12.77 19.84 23.86
C ILE A 231 -13.84 20.23 22.83
N ASN A 232 -13.68 19.74 21.60
CA ASN A 232 -14.63 19.99 20.52
C ASN A 232 -14.52 18.86 19.50
N PRO A 233 -15.51 17.95 19.50
CA PRO A 233 -15.40 16.79 18.62
C PRO A 233 -15.42 17.16 17.14
N ASN A 234 -15.80 18.38 16.81
CA ASN A 234 -15.83 18.78 15.41
C ASN A 234 -14.48 19.20 14.85
N LEU A 235 -13.47 19.32 15.71
CA LEU A 235 -12.15 19.70 15.21
C LEU A 235 -11.59 18.61 14.32
N ASN A 236 -10.98 19.03 13.22
CA ASN A 236 -10.30 18.12 12.31
C ASN A 236 -8.84 18.13 12.67
N ILE A 237 -8.34 17.01 13.17
CA ILE A 237 -6.97 16.97 13.69
C ILE A 237 -6.17 15.94 12.92
N GLY A 238 -5.16 16.40 12.18
CA GLY A 238 -4.44 15.54 11.27
C GLY A 238 -2.99 15.34 11.65
N CYS A 239 -2.34 14.40 10.97
CA CYS A 239 -0.89 14.31 11.04
C CYS A 239 -0.26 15.14 9.92
N MET A 240 1.07 15.21 9.92
CA MET A 240 1.76 15.90 8.85
C MET A 240 3.03 15.13 8.53
N VAL A 241 3.09 14.54 7.34
CA VAL A 241 4.30 13.85 6.91
C VAL A 241 4.87 14.48 5.65
N ALA A 242 6.19 14.44 5.54
CA ALA A 242 6.86 14.84 4.31
C ALA A 242 6.81 13.69 3.34
N MET A 243 6.06 13.85 2.25
CA MET A 243 5.95 12.77 1.27
C MET A 243 6.93 12.98 0.11
N CYS A 244 8.06 12.29 0.21
CA CYS A 244 9.00 12.16 -0.88
C CYS A 244 8.91 10.72 -1.35
N PRO A 245 8.17 10.46 -2.42
CA PRO A 245 8.08 9.05 -2.85
C PRO A 245 9.45 8.53 -3.21
N ILE A 246 9.71 7.28 -2.85
CA ILE A 246 10.98 6.66 -3.15
C ILE A 246 10.78 5.60 -4.23
N TYR A 247 11.28 5.91 -5.42
CA TYR A 247 11.13 5.03 -6.57
C TYR A 247 12.30 4.05 -6.64
N PRO A 248 12.03 2.79 -7.00
CA PRO A 248 13.17 1.93 -7.35
C PRO A 248 13.82 2.39 -8.66
N ALA A 249 15.14 2.30 -8.74
CA ALA A 249 15.84 2.79 -9.93
C ALA A 249 15.44 1.99 -11.16
N THR A 250 15.25 0.68 -10.97
CA THR A 250 14.97 -0.27 -12.06
C THR A 250 14.10 -1.40 -11.51
N CYS A 251 13.64 -2.27 -12.40
CA CYS A 251 12.88 -3.46 -12.02
C CYS A 251 13.73 -4.61 -11.49
N ASN A 252 15.02 -4.39 -11.26
CA ASN A 252 15.82 -5.35 -10.52
C ASN A 252 15.12 -5.64 -9.20
N PRO A 253 14.81 -6.91 -8.89
CA PRO A 253 14.08 -7.16 -7.64
C PRO A 253 14.77 -6.59 -6.40
N LYS A 254 16.10 -6.46 -6.44
CA LYS A 254 16.81 -5.87 -5.32
C LYS A 254 16.50 -4.38 -5.15
N ASP A 255 16.37 -3.66 -6.27
CA ASP A 255 15.98 -2.25 -6.20
C ASP A 255 14.54 -2.13 -5.71
N ILE A 256 13.68 -3.01 -6.19
CA ILE A 256 12.29 -3.03 -5.79
C ILE A 256 12.18 -3.22 -4.28
N LEU A 257 12.92 -4.18 -3.74
CA LEU A 257 12.87 -4.40 -2.30
C LEU A 257 13.47 -3.23 -1.52
N MET A 258 14.54 -2.63 -2.02
CA MET A 258 15.09 -1.46 -1.34
C MET A 258 14.06 -0.34 -1.24
N ALA A 259 13.31 -0.12 -2.32
CA ALA A 259 12.32 0.96 -2.31
C ALA A 259 11.19 0.64 -1.35
N GLN A 260 10.74 -0.60 -1.35
CA GLN A 260 9.67 -0.98 -0.44
C GLN A 260 10.09 -0.80 1.00
N LYS A 261 11.29 -1.26 1.32
CA LYS A 261 11.78 -1.15 2.69
C LYS A 261 12.09 0.29 3.08
N ALA A 262 12.53 1.11 2.13
CA ALA A 262 12.76 2.52 2.42
C ALA A 262 11.43 3.24 2.67
N MET A 263 10.42 2.96 1.87
CA MET A 263 9.09 3.52 2.14
C MET A 263 8.58 3.10 3.52
N GLN A 264 8.81 1.86 3.89
CA GLN A 264 8.41 1.40 5.22
C GLN A 264 9.09 2.22 6.34
N LYS A 265 10.39 2.46 6.19
CA LYS A 265 11.12 3.20 7.22
C LYS A 265 10.78 4.68 7.27
N ARG A 266 10.48 5.25 6.10
CA ARG A 266 10.20 6.67 6.06
C ARG A 266 8.74 6.99 6.39
N TYR A 267 7.87 6.00 6.27
CA TYR A 267 6.43 6.26 6.45
C TYR A 267 5.75 5.46 7.55
N TYR A 268 6.51 4.74 8.36
CA TYR A 268 5.87 4.02 9.48
C TYR A 268 5.17 5.01 10.40
N PHE A 269 5.65 6.25 10.42
CA PHE A 269 5.03 7.30 11.20
C PHE A 269 3.57 7.43 10.82
N ALA A 270 3.29 7.37 9.53
CA ALA A 270 1.91 7.45 9.04
C ALA A 270 1.10 6.24 9.48
N ASP A 271 1.69 5.05 9.44
CA ASP A 271 0.99 3.86 9.91
C ASP A 271 0.55 4.05 11.36
N VAL A 272 1.44 4.59 12.19
CA VAL A 272 1.10 4.78 13.60
C VAL A 272 0.00 5.83 13.77
N HIS A 273 0.16 6.98 13.10
CA HIS A 273 -0.86 8.03 13.15
C HIS A 273 -2.23 7.56 12.66
N VAL A 274 -2.25 6.68 11.66
CA VAL A 274 -3.51 6.31 11.01
C VAL A 274 -4.11 5.03 11.58
N HIS A 275 -3.30 3.99 11.66
CA HIS A 275 -3.78 2.68 12.11
C HIS A 275 -3.76 2.57 13.62
N GLY A 276 -2.87 3.32 14.26
CA GLY A 276 -2.81 3.34 15.72
C GLY A 276 -1.92 2.26 16.30
N PHE A 277 -1.13 1.62 15.46
CA PHE A 277 -0.13 0.67 15.96
C PHE A 277 1.10 0.68 15.05
N TYR A 278 2.22 0.27 15.61
CA TYR A 278 3.45 0.13 14.83
C TYR A 278 3.39 -1.11 13.95
N PRO A 279 3.86 -0.97 12.70
CA PRO A 279 4.04 -2.15 11.86
C PRO A 279 5.06 -3.09 12.47
N GLU A 280 4.84 -4.39 12.29
CA GLU A 280 5.74 -5.38 12.86
CA GLU A 280 5.73 -5.39 12.86
C GLU A 280 7.17 -5.28 12.32
N HIS A 281 7.34 -4.75 11.11
CA HIS A 281 8.68 -4.64 10.56
C HIS A 281 9.55 -3.67 11.37
N ILE A 282 8.92 -2.70 12.05
CA ILE A 282 9.69 -1.83 12.93
C ILE A 282 10.15 -2.58 14.17
N PHE A 283 9.26 -3.33 14.80
CA PHE A 283 9.66 -4.10 15.97
C PHE A 283 10.78 -5.08 15.64
N LYS A 284 10.69 -5.72 14.48
CA LYS A 284 11.72 -6.68 14.10
C LYS A 284 13.05 -5.98 13.86
N TYR A 285 12.99 -4.81 13.24
CA TYR A 285 14.18 -4.03 12.97
C TYR A 285 14.87 -3.63 14.28
N TRP A 286 14.10 -3.09 15.21
CA TRP A 286 14.64 -2.71 16.51
C TRP A 286 15.26 -3.91 17.20
N GLU A 287 14.56 -5.05 17.14
CA GLU A 287 15.04 -6.26 17.81
CA GLU A 287 15.05 -6.26 17.82
C GLU A 287 16.38 -6.71 17.22
N ARG A 288 16.46 -6.68 15.89
CA ARG A 288 17.69 -7.07 15.22
C ARG A 288 18.85 -6.12 15.56
N LYS A 289 18.58 -4.81 15.52
CA LYS A 289 19.58 -3.76 15.78
C LYS A 289 19.85 -3.53 17.27
N ALA A 290 19.15 -4.26 18.12
CA ALA A 290 19.24 -4.05 19.57
C ALA A 290 18.91 -2.60 19.96
N ILE A 291 17.97 -2.00 19.25
CA ILE A 291 17.47 -0.69 19.64
C ILE A 291 16.40 -0.89 20.69
N LYS A 292 16.61 -0.32 21.87
CA LYS A 292 15.64 -0.43 22.94
C LYS A 292 14.85 0.87 23.01
N VAL A 293 13.53 0.75 23.05
CA VAL A 293 12.67 1.91 23.13
C VAL A 293 11.77 1.80 24.37
N ASP A 294 11.74 2.87 25.15
CA ASP A 294 10.82 2.99 26.28
C ASP A 294 9.41 3.14 25.72
N PHE A 295 8.61 2.07 25.84
CA PHE A 295 7.37 1.93 25.09
C PHE A 295 6.43 1.12 25.99
N THR A 296 5.46 1.80 26.59
CA THR A 296 4.65 1.19 27.64
C THR A 296 3.30 0.74 27.09
N GLU A 297 2.56 -0.03 27.88
CA GLU A 297 1.22 -0.45 27.45
C GLU A 297 0.27 0.75 27.37
N ARG A 298 0.48 1.74 28.24
CA ARG A 298 -0.27 2.98 28.18
C ARG A 298 0.00 3.70 26.85
N ASP A 299 1.27 3.73 26.43
CA ASP A 299 1.60 4.29 25.11
C ASP A 299 0.83 3.56 24.02
N LYS A 300 0.79 2.23 24.11
CA LYS A 300 0.15 1.42 23.08
C LYS A 300 -1.34 1.79 22.99
N LYS A 301 -1.97 1.94 24.15
CA LYS A 301 -3.38 2.33 24.20
C LYS A 301 -3.59 3.73 23.66
N ASP A 302 -2.75 4.67 24.07
CA ASP A 302 -2.86 6.05 23.56
C ASP A 302 -2.78 6.06 22.04
N LEU A 303 -1.78 5.39 21.49
CA LEU A 303 -1.62 5.37 20.03
C LEU A 303 -2.87 4.81 19.35
N PHE A 304 -3.41 3.74 19.91
CA PHE A 304 -4.57 3.11 19.29
C PHE A 304 -5.79 4.00 19.33
N GLU A 305 -5.90 4.80 20.40
CA GLU A 305 -7.06 5.66 20.62
C GLU A 305 -6.96 7.05 20.00
N GLY A 306 -5.75 7.47 19.62
CA GLY A 306 -5.53 8.83 19.19
C GLY A 306 -5.13 8.97 17.73
N THR A 307 -5.69 8.11 16.89
CA THR A 307 -5.43 8.20 15.45
C THR A 307 -6.08 9.45 14.83
N VAL A 308 -5.54 9.87 13.70
CA VAL A 308 -5.87 11.16 13.11
C VAL A 308 -7.07 11.14 12.18
N ASP A 309 -7.62 12.33 11.93
CA ASP A 309 -8.78 12.49 11.07
C ASP A 309 -8.41 12.56 9.60
N TYR A 310 -7.21 13.07 9.32
CA TYR A 310 -6.77 13.24 7.95
C TYR A 310 -5.26 13.26 7.89
N ILE A 311 -4.72 13.11 6.68
CA ILE A 311 -3.27 13.12 6.50
C ILE A 311 -2.91 14.41 5.78
N GLY A 312 -2.26 15.32 6.50
CA GLY A 312 -1.66 16.48 5.85
C GLY A 312 -0.27 16.06 5.36
N PHE A 313 0.15 16.60 4.22
CA PHE A 313 1.49 16.28 3.77
C PHE A 313 2.09 17.37 2.91
N SER A 314 3.41 17.41 2.90
CA SER A 314 4.14 18.26 1.98
C SER A 314 4.60 17.44 0.78
N TYR A 315 4.67 18.09 -0.37
CA TYR A 315 5.24 17.46 -1.56
C TYR A 315 6.09 18.48 -2.31
N TYR A 316 7.34 18.13 -2.55
CA TYR A 316 8.22 18.96 -3.36
C TYR A 316 8.94 18.19 -4.43
N MET A 317 9.16 16.89 -4.18
CA MET A 317 10.10 16.13 -4.98
C MET A 317 9.93 14.66 -4.73
N SER A 318 10.50 13.85 -5.62
CA SER A 318 10.57 12.42 -5.42
C SER A 318 12.03 12.02 -5.35
N PHE A 319 12.26 10.81 -4.83
CA PHE A 319 13.60 10.25 -4.71
C PHE A 319 13.72 8.96 -5.54
N VAL A 320 14.94 8.47 -5.68
CA VAL A 320 15.19 7.17 -6.31
C VAL A 320 16.15 6.43 -5.43
N ILE A 321 15.97 5.12 -5.33
CA ILE A 321 16.87 4.30 -4.53
C ILE A 321 17.30 3.10 -5.35
N ASP A 322 18.47 2.56 -5.03
CA ASP A 322 18.89 1.29 -5.62
C ASP A 322 19.65 0.47 -4.59
N ALA A 323 20.12 -0.70 -5.02
CA ALA A 323 20.81 -1.62 -4.14
C ALA A 323 22.34 -1.57 -4.30
N HIS A 324 22.87 -0.41 -4.66
CA HIS A 324 24.31 -0.32 -4.95
C HIS A 324 25.19 -0.48 -3.71
N ARG A 325 24.68 -0.04 -2.55
CA ARG A 325 25.51 -0.01 -1.36
C ARG A 325 25.87 -1.41 -0.89
N GLU A 326 27.16 -1.66 -0.73
CA GLU A 326 27.68 -2.95 -0.29
C GLU A 326 27.41 -3.15 1.20
N ASN A 327 27.49 -4.41 1.63
CA ASN A 327 27.40 -4.76 3.04
C ASN A 327 26.08 -4.32 3.65
N ASN A 328 25.01 -4.55 2.89
CA ASN A 328 23.69 -4.19 3.36
C ASN A 328 22.73 -5.38 3.23
N PRO A 329 23.10 -6.52 3.83
CA PRO A 329 22.32 -7.75 3.60
C PRO A 329 20.89 -7.70 4.12
N TYR A 330 20.60 -6.79 5.05
CA TYR A 330 19.26 -6.70 5.62
C TYR A 330 18.41 -5.61 4.96
N TYR A 331 18.94 -4.99 3.91
CA TYR A 331 18.20 -3.95 3.21
C TYR A 331 17.84 -2.76 4.10
N ASP A 332 18.78 -2.35 4.94
CA ASP A 332 18.64 -1.12 5.71
C ASP A 332 18.52 0.07 4.76
N TYR A 333 17.92 1.15 5.26
CA TYR A 333 17.77 2.40 4.52
C TYR A 333 18.60 3.51 5.14
N LEU A 334 19.55 4.01 4.36
CA LEU A 334 20.28 5.24 4.72
C LEU A 334 19.95 6.34 3.73
N GLU A 335 19.15 7.32 4.17
CA GLU A 335 18.71 8.40 3.29
C GLU A 335 19.90 9.14 2.66
N THR A 336 21.04 9.14 3.35
CA THR A 336 22.19 9.88 2.86
C THR A 336 23.12 9.04 1.99
N GLU A 337 22.82 7.77 1.78
CA GLU A 337 23.72 6.90 1.01
C GLU A 337 23.08 6.03 -0.07
N ASP A 338 21.83 5.62 0.13
CA ASP A 338 21.18 4.69 -0.79
C ASP A 338 20.47 5.39 -1.95
N LEU A 339 20.25 6.69 -1.81
CA LEU A 339 19.50 7.42 -2.84
C LEU A 339 20.41 7.77 -4.01
N VAL A 340 19.80 7.80 -5.19
CA VAL A 340 20.49 8.15 -6.42
C VAL A 340 19.63 9.14 -7.20
N LYS A 341 20.23 9.81 -8.18
CA LYS A 341 19.51 10.80 -8.96
C LYS A 341 18.57 10.13 -9.96
N ASN A 342 17.42 10.76 -10.18
CA ASN A 342 16.49 10.32 -11.21
C ASN A 342 16.92 10.90 -12.55
N PRO A 343 17.33 10.03 -13.50
CA PRO A 343 17.83 10.55 -14.78
C PRO A 343 16.74 11.09 -15.70
N TYR A 344 15.47 11.02 -15.29
CA TYR A 344 14.35 11.41 -16.16
C TYR A 344 13.76 12.78 -15.85
N VAL A 345 14.29 13.46 -14.83
CA VAL A 345 13.68 14.70 -14.35
C VAL A 345 14.65 15.87 -14.32
N LYS A 346 14.09 17.08 -14.26
CA LYS A 346 14.84 18.31 -14.01
C LYS A 346 14.89 18.58 -12.52
N ALA A 347 15.64 19.61 -12.13
CA ALA A 347 15.77 19.94 -10.72
C ALA A 347 15.90 21.44 -10.50
N SER A 348 15.57 21.88 -9.30
CA SER A 348 15.71 23.29 -8.94
C SER A 348 17.19 23.65 -8.75
N ASP A 349 17.48 24.92 -8.51
CA ASP A 349 18.86 25.34 -8.28
C ASP A 349 19.39 24.89 -6.92
N TRP A 350 18.52 24.33 -6.09
CA TRP A 350 18.96 23.71 -4.84
C TRP A 350 18.95 22.19 -4.98
N ASP A 351 18.89 21.72 -6.23
CA ASP A 351 18.95 20.29 -6.57
C ASP A 351 17.71 19.49 -6.16
N TRP A 352 16.58 20.17 -5.97
CA TRP A 352 15.34 19.47 -5.64
C TRP A 352 14.67 18.99 -6.92
N GLN A 353 14.54 17.68 -7.07
CA GLN A 353 13.96 17.10 -8.29
C GLN A 353 12.51 17.52 -8.51
N ILE A 354 12.23 17.88 -9.75
CA ILE A 354 10.92 18.33 -10.15
C ILE A 354 10.17 17.15 -10.74
N ASP A 355 9.11 16.72 -10.04
CA ASP A 355 8.36 15.54 -10.46
C ASP A 355 6.89 15.72 -10.11
N PRO A 356 6.16 16.45 -10.95
CA PRO A 356 4.75 16.69 -10.64
C PRO A 356 3.92 15.41 -10.63
N GLN A 357 4.26 14.44 -11.49
CA GLN A 357 3.51 13.19 -11.52
C GLN A 357 3.64 12.44 -10.19
N GLY A 358 4.76 12.61 -9.51
CA GLY A 358 4.96 12.01 -8.21
C GLY A 358 3.94 12.45 -7.17
N LEU A 359 3.35 13.64 -7.34
CA LEU A 359 2.28 14.05 -6.44
C LEU A 359 1.03 13.21 -6.68
N ARG A 360 0.77 12.84 -7.92
CA ARG A 360 -0.35 11.94 -8.19
C ARG A 360 -0.05 10.56 -7.59
N TYR A 361 1.17 10.08 -7.76
CA TYR A 361 1.57 8.83 -7.11
C TYR A 361 1.36 8.92 -5.59
N ALA A 362 1.79 10.02 -5.00
CA ALA A 362 1.68 10.21 -3.57
C ALA A 362 0.22 10.16 -3.10
N LEU A 363 -0.65 10.87 -3.82
CA LEU A 363 -2.06 10.92 -3.44
C LEU A 363 -2.67 9.53 -3.50
N ASN A 364 -2.31 8.78 -4.52
CA ASN A 364 -2.80 7.40 -4.63
C ASN A 364 -2.21 6.48 -3.57
N TRP A 365 -0.95 6.70 -3.23
CA TRP A 365 -0.30 5.84 -2.25
C TRP A 365 -0.99 5.99 -0.90
N PHE A 366 -1.16 7.22 -0.44
CA PHE A 366 -1.88 7.47 0.81
C PHE A 366 -3.31 6.94 0.75
N THR A 367 -3.98 7.10 -0.39
CA THR A 367 -5.38 6.66 -0.48
C THR A 367 -5.46 5.15 -0.37
N ASP A 368 -4.60 4.46 -1.12
CA ASP A 368 -4.64 3.00 -1.15
C ASP A 368 -4.27 2.39 0.20
N MET A 369 -3.35 3.03 0.90
CA MET A 369 -2.87 2.52 2.18
C MET A 369 -3.80 2.85 3.33
N TYR A 370 -4.38 4.05 3.30
CA TYR A 370 -5.04 4.57 4.50
C TYR A 370 -6.50 4.96 4.36
N HIS A 371 -6.96 5.19 3.13
CA HIS A 371 -8.37 5.57 2.91
C HIS A 371 -8.87 6.69 3.84
N LEU A 372 -8.09 7.75 3.98
CA LEU A 372 -8.47 8.92 4.75
C LEU A 372 -8.43 10.14 3.85
N PRO A 373 -9.12 11.21 4.24
CA PRO A 373 -8.95 12.46 3.52
C PRO A 373 -7.51 12.96 3.61
N LEU A 374 -7.07 13.61 2.55
CA LEU A 374 -5.70 14.12 2.44
C LEU A 374 -5.73 15.62 2.28
N PHE A 375 -4.66 16.28 2.68
CA PHE A 375 -4.55 17.74 2.55
C PHE A 375 -3.12 18.01 2.11
N ILE A 376 -2.94 18.59 0.92
CA ILE A 376 -1.60 19.00 0.48
C ILE A 376 -1.33 20.34 1.14
N VAL A 377 -0.54 20.31 2.21
CA VAL A 377 -0.35 21.49 3.03
C VAL A 377 0.97 22.22 2.76
N GLU A 378 1.79 21.67 1.86
CA GLU A 378 2.93 22.40 1.29
C GLU A 378 3.23 21.88 -0.09
N ASN A 379 3.56 22.80 -0.98
CA ASN A 379 4.08 22.49 -2.31
C ASN A 379 4.65 23.81 -2.78
N GLY A 380 5.83 23.81 -3.37
CA GLY A 380 6.38 25.10 -3.79
C GLY A 380 7.67 24.96 -4.54
N PHE A 381 8.08 26.05 -5.17
CA PHE A 381 9.30 26.10 -5.96
C PHE A 381 10.18 27.25 -5.48
N GLY A 382 11.28 26.90 -4.82
CA GLY A 382 12.23 27.86 -4.29
C GLY A 382 13.23 28.23 -5.37
N ALA A 383 13.34 29.53 -5.64
CA ALA A 383 14.12 29.99 -6.76
C ALA A 383 14.60 31.42 -6.53
N ILE A 384 15.66 31.79 -7.24
CA ILE A 384 16.11 33.17 -7.28
C ILE A 384 15.13 34.03 -8.07
N ASP A 385 14.74 35.16 -7.49
CA ASP A 385 13.88 36.11 -8.19
C ASP A 385 14.62 37.39 -8.52
N GLN A 386 14.31 37.95 -9.68
CA GLN A 386 14.79 39.27 -10.08
CA GLN A 386 14.78 39.27 -10.04
C GLN A 386 13.59 40.20 -10.23
N VAL A 387 13.68 41.40 -9.68
CA VAL A 387 12.62 42.39 -9.89
C VAL A 387 12.89 43.12 -11.20
N GLU A 388 11.91 43.10 -12.10
CA GLU A 388 12.06 43.74 -13.41
C GLU A 388 11.79 45.24 -13.33
N ALA A 389 11.93 45.93 -14.47
CA ALA A 389 11.78 47.38 -14.54
C ALA A 389 10.37 47.88 -14.25
N ASP A 390 9.40 46.97 -14.29
CA ASP A 390 8.02 47.32 -13.97
C ASP A 390 7.72 47.11 -12.48
N GLY A 391 8.76 46.80 -11.71
CA GLY A 391 8.62 46.64 -10.28
C GLY A 391 8.08 45.28 -9.87
N MET A 392 8.02 44.35 -10.81
CA MET A 392 7.44 43.03 -10.53
C MET A 392 8.40 41.90 -10.88
N VAL A 393 8.41 40.86 -10.06
CA VAL A 393 9.11 39.62 -10.41
C VAL A 393 8.25 38.85 -11.42
N HIS A 394 8.83 38.54 -12.57
CA HIS A 394 8.11 37.71 -13.55
C HIS A 394 8.51 36.26 -13.37
N ASP A 395 7.88 35.63 -12.38
CA ASP A 395 8.22 34.29 -11.98
C ASP A 395 7.45 33.23 -12.74
N ASP A 396 7.58 33.22 -14.06
CA ASP A 396 6.98 32.18 -14.88
C ASP A 396 7.44 30.78 -14.45
N TYR A 397 8.68 30.67 -13.99
CA TYR A 397 9.20 29.37 -13.54
C TYR A 397 8.41 28.83 -12.35
N ARG A 398 7.94 29.72 -11.49
CA ARG A 398 7.19 29.32 -10.31
C ARG A 398 5.76 28.94 -10.70
N ILE A 399 5.14 29.75 -11.55
CA ILE A 399 3.85 29.41 -12.13
C ILE A 399 3.87 28.04 -12.82
N ASP A 400 4.93 27.77 -13.57
CA ASP A 400 5.04 26.51 -14.30
C ASP A 400 5.07 25.33 -13.33
N TYR A 401 5.88 25.44 -12.29
CA TYR A 401 6.00 24.36 -11.32
C TYR A 401 4.68 24.16 -10.60
N LEU A 402 4.08 25.22 -10.07
CA LEU A 402 2.86 25.05 -9.28
C LEU A 402 1.74 24.54 -10.17
N GLY A 403 1.60 25.09 -11.37
CA GLY A 403 0.55 24.65 -12.27
C GLY A 403 0.68 23.19 -12.64
N ALA A 404 1.90 22.71 -12.85
CA ALA A 404 2.12 21.32 -13.21
C ALA A 404 1.65 20.40 -12.10
N HIS A 405 1.89 20.80 -10.85
CA HIS A 405 1.47 20.01 -9.70
C HIS A 405 -0.05 20.06 -9.51
N ILE A 406 -0.63 21.24 -9.70
CA ILE A 406 -2.07 21.36 -9.61
C ILE A 406 -2.75 20.46 -10.64
N LYS A 407 -2.21 20.40 -11.86
CA LYS A 407 -2.79 19.52 -12.88
C LYS A 407 -2.80 18.06 -12.46
N GLU A 408 -1.71 17.60 -11.83
CA GLU A 408 -1.65 16.23 -11.36
C GLU A 408 -2.60 15.95 -10.19
N MET A 409 -2.74 16.91 -9.28
CA MET A 409 -3.64 16.69 -8.15
C MET A 409 -5.08 16.63 -8.63
N ILE A 410 -5.40 17.44 -9.65
CA ILE A 410 -6.73 17.38 -10.25
C ILE A 410 -7.00 16.02 -10.90
N LYS A 411 -6.01 15.44 -11.57
CA LYS A 411 -6.19 14.09 -12.09
C LYS A 411 -6.41 13.08 -10.96
N ALA A 412 -5.67 13.21 -9.86
CA ALA A 412 -5.86 12.30 -8.74
C ALA A 412 -7.30 12.35 -8.22
N VAL A 413 -7.88 13.55 -8.14
CA VAL A 413 -9.26 13.67 -7.68
C VAL A 413 -10.24 13.19 -8.75
N ASP A 414 -10.10 13.73 -9.94
CA ASP A 414 -11.09 13.51 -11.00
C ASP A 414 -11.05 12.12 -11.62
N GLU A 415 -9.84 11.57 -11.78
CA GLU A 415 -9.69 10.28 -12.42
C GLU A 415 -9.49 9.15 -11.41
N ASP A 416 -8.81 9.44 -10.30
CA ASP A 416 -8.43 8.39 -9.38
C ASP A 416 -9.36 8.32 -8.15
N GLY A 417 -10.14 9.36 -7.93
CA GLY A 417 -11.08 9.36 -6.82
C GLY A 417 -10.51 9.60 -5.44
N VAL A 418 -9.34 10.20 -5.34
CA VAL A 418 -8.79 10.50 -4.01
C VAL A 418 -9.62 11.59 -3.32
N GLU A 419 -9.66 11.54 -1.99
CA GLU A 419 -10.34 12.57 -1.22
C GLU A 419 -9.34 13.64 -0.79
N LEU A 420 -9.42 14.79 -1.43
CA LEU A 420 -8.45 15.87 -1.22
C LEU A 420 -9.15 17.11 -0.64
N MET A 421 -8.71 17.54 0.53
CA MET A 421 -9.36 18.63 1.26
C MET A 421 -9.00 19.99 0.68
N GLY A 422 -7.76 20.13 0.21
CA GLY A 422 -7.29 21.43 -0.22
C GLY A 422 -5.82 21.40 -0.59
N TYR A 423 -5.28 22.59 -0.82
CA TYR A 423 -3.94 22.75 -1.39
C TYR A 423 -3.41 24.12 -0.97
N THR A 424 -2.30 24.12 -0.24
CA THR A 424 -1.72 25.38 0.26
C THR A 424 -0.25 25.51 -0.09
N PRO A 425 0.06 26.20 -1.19
CA PRO A 425 1.46 26.39 -1.58
C PRO A 425 2.31 26.95 -0.44
N TRP A 426 3.51 26.41 -0.30
CA TRP A 426 4.44 26.81 0.74
C TRP A 426 5.06 28.19 0.49
N GLY A 427 5.21 28.95 1.56
CA GLY A 427 5.98 30.19 1.48
C GLY A 427 5.28 31.17 0.58
N CYS A 428 3.96 31.25 0.72
CA CYS A 428 3.14 32.08 -0.16
C CYS A 428 3.50 33.56 -0.10
N ILE A 429 4.11 33.97 1.02
CA ILE A 429 4.83 35.24 1.10
C ILE A 429 6.30 34.90 1.39
N ASP A 430 7.22 35.55 0.68
CA ASP A 430 8.65 35.25 0.82
C ASP A 430 9.06 35.25 2.28
N LEU A 431 9.73 34.19 2.71
CA LEU A 431 10.14 34.06 4.10
C LEU A 431 11.51 33.38 4.21
N VAL A 432 11.99 33.18 5.43
CA VAL A 432 13.30 32.58 5.66
C VAL A 432 13.24 31.06 5.45
N SER A 433 14.08 30.52 4.57
CA SER A 433 14.01 29.08 4.28
C SER A 433 14.45 28.23 5.47
N ALA A 434 14.04 26.97 5.46
CA ALA A 434 14.29 26.06 6.57
C ALA A 434 15.68 25.44 6.52
N GLY A 435 15.95 24.70 5.46
CA GLY A 435 17.21 23.98 5.33
C GLY A 435 18.45 24.86 5.33
N THR A 436 18.37 26.01 4.67
CA THR A 436 19.52 26.92 4.56
C THR A 436 19.37 28.27 5.25
N GLY A 437 18.18 28.60 5.70
CA GLY A 437 17.95 29.88 6.35
C GLY A 437 18.19 31.08 5.44
N GLU A 438 17.87 30.92 4.16
CA GLU A 438 18.08 31.94 3.15
C GLU A 438 16.83 32.77 2.85
N MET A 439 17.03 34.05 2.52
CA MET A 439 15.97 34.83 1.91
C MET A 439 15.96 34.62 0.40
N ARG A 440 17.13 34.37 -0.18
CA ARG A 440 17.24 34.33 -1.64
C ARG A 440 16.51 33.12 -2.25
N LYS A 441 16.27 32.09 -1.45
CA LYS A 441 15.51 30.93 -1.92
C LYS A 441 14.03 31.25 -1.76
N ARG A 442 13.48 31.92 -2.76
CA ARG A 442 12.15 32.50 -2.61
C ARG A 442 11.07 31.57 -3.10
N TYR A 443 9.96 31.57 -2.36
CA TYR A 443 8.80 30.73 -2.69
C TYR A 443 7.54 31.53 -3.02
N GLY A 444 7.52 32.81 -2.69
CA GLY A 444 6.26 33.54 -2.61
C GLY A 444 5.52 33.93 -3.87
N PHE A 445 4.22 34.20 -3.70
CA PHE A 445 3.44 34.97 -4.67
C PHE A 445 3.67 36.45 -4.39
N ILE A 446 4.16 36.73 -3.19
CA ILE A 446 4.38 38.08 -2.70
C ILE A 446 5.87 38.23 -2.45
N TYR A 447 6.51 39.17 -3.14
CA TYR A 447 7.93 39.44 -2.94
C TYR A 447 8.14 40.27 -1.70
N VAL A 448 9.15 39.94 -0.91
CA VAL A 448 9.51 40.76 0.26
C VAL A 448 10.93 41.28 0.08
N ASP A 449 11.09 42.60 0.18
CA ASP A 449 12.39 43.21 0.00
C ASP A 449 13.28 43.08 1.23
N LYS A 450 13.90 41.92 1.36
CA LYS A 450 14.92 41.67 2.38
C LYS A 450 15.86 40.62 1.85
N ASP A 451 17.16 40.81 2.09
CA ASP A 451 18.15 39.90 1.55
C ASP A 451 18.84 39.11 2.64
N ASP A 452 19.89 38.38 2.25
CA ASP A 452 20.58 37.47 3.15
C ASP A 452 21.57 38.13 4.08
N GLU A 453 21.77 39.43 3.89
CA GLU A 453 22.57 40.21 4.82
C GLU A 453 21.65 40.93 5.80
N GLY A 454 20.35 40.68 5.67
CA GLY A 454 19.36 41.31 6.53
C GLY A 454 18.95 42.72 6.13
N LYS A 455 19.38 43.18 4.96
CA LYS A 455 19.03 44.54 4.55
C LYS A 455 17.81 44.58 3.62
N GLY A 456 17.23 45.78 3.49
CA GLY A 456 16.05 45.97 2.65
C GLY A 456 14.92 46.67 3.39
N THR A 457 13.90 47.09 2.66
CA THR A 457 12.77 47.83 3.23
C THR A 457 11.71 46.94 3.87
N LEU A 458 11.78 45.64 3.59
CA LEU A 458 10.74 44.68 3.98
C LEU A 458 9.39 44.94 3.29
N LYS A 459 9.37 45.83 2.31
CA LYS A 459 8.15 46.08 1.55
C LYS A 459 7.65 44.82 0.84
N ARG A 460 6.32 44.66 0.78
CA ARG A 460 5.67 43.58 0.07
C ARG A 460 5.17 44.06 -1.29
N SER A 461 5.33 43.23 -2.31
CA SER A 461 4.83 43.54 -3.64
CA SER A 461 4.85 43.54 -3.66
C SER A 461 4.45 42.25 -4.37
N PRO A 462 3.36 42.28 -5.15
CA PRO A 462 2.96 41.06 -5.86
C PRO A 462 3.93 40.65 -6.96
N LYS A 463 4.10 39.35 -7.15
CA LYS A 463 4.82 38.82 -8.30
C LYS A 463 3.82 38.47 -9.40
N LEU A 464 4.32 38.10 -10.56
CA LEU A 464 3.45 37.65 -11.64
C LEU A 464 2.54 36.51 -11.15
N SER A 465 3.08 35.63 -10.32
CA SER A 465 2.31 34.48 -9.84
C SER A 465 1.12 34.85 -8.96
N PHE A 466 1.13 36.06 -8.39
CA PHE A 466 0.05 36.53 -7.51
C PHE A 466 -1.28 36.54 -8.27
N ASN A 467 -1.36 37.24 -9.38
CA ASN A 467 -2.60 37.27 -10.15
CA ASN A 467 -2.60 37.27 -10.15
C ASN A 467 -2.92 35.91 -10.77
N TRP A 468 -1.88 35.16 -11.12
CA TRP A 468 -2.10 33.82 -11.66
C TRP A 468 -2.85 32.96 -10.63
N TYR A 469 -2.37 32.94 -9.39
CA TYR A 469 -2.97 32.12 -8.36
C TYR A 469 -4.36 32.65 -8.00
N LYS A 470 -4.52 33.97 -7.98
CA LYS A 470 -5.84 34.56 -7.81
C LYS A 470 -6.82 33.95 -8.80
N GLU A 471 -6.40 33.82 -10.06
CA GLU A 471 -7.28 33.25 -11.09
CA GLU A 471 -7.28 33.25 -11.08
C GLU A 471 -7.47 31.74 -10.97
N VAL A 472 -6.45 31.04 -10.46
CA VAL A 472 -6.61 29.61 -10.20
C VAL A 472 -7.70 29.39 -9.18
N ILE A 473 -7.66 30.15 -8.09
CA ILE A 473 -8.65 29.98 -7.03
C ILE A 473 -10.05 30.38 -7.51
N ALA A 474 -10.14 31.51 -8.21
CA ALA A 474 -11.43 31.99 -8.67
C ALA A 474 -12.11 31.03 -9.63
N SER A 475 -11.30 30.26 -10.36
CA SER A 475 -11.80 29.30 -11.34
C SER A 475 -11.85 27.89 -10.78
N ASN A 476 -11.54 27.77 -9.49
CA ASN A 476 -11.45 26.48 -8.80
C ASN A 476 -10.58 25.47 -9.55
N GLY A 477 -9.53 25.99 -10.17
CA GLY A 477 -8.57 25.15 -10.87
C GLY A 477 -8.96 24.77 -12.30
N ASP A 478 -10.05 25.33 -12.80
CA ASP A 478 -10.42 25.12 -14.19
C ASP A 478 -9.43 25.84 -15.13
N ASP A 479 -8.89 26.96 -14.67
CA ASP A 479 -7.99 27.78 -15.48
C ASP A 479 -6.59 27.87 -14.88
N ILE A 480 -5.68 27.05 -15.40
CA ILE A 480 -4.31 26.98 -14.89
CA ILE A 480 -4.31 26.97 -14.89
C ILE A 480 -3.30 27.51 -15.91
N ALA B 3 15.70 -22.34 21.83
CA ALA B 3 16.24 -22.83 20.57
C ALA B 3 15.12 -23.10 19.56
N MET B 4 14.53 -22.03 19.03
CA MET B 4 13.43 -22.16 18.08
C MET B 4 13.84 -21.79 16.66
N SER B 5 13.13 -22.35 15.69
CA SER B 5 13.36 -22.04 14.28
C SER B 5 12.75 -20.69 13.95
N LYS B 6 12.92 -20.27 12.70
CA LYS B 6 12.44 -18.95 12.29
C LYS B 6 10.93 -18.91 12.05
N LEU B 7 10.34 -20.05 11.70
CA LEU B 7 8.89 -20.11 11.49
C LEU B 7 8.22 -20.66 12.74
N PRO B 8 6.93 -20.35 12.93
CA PRO B 8 6.22 -20.88 14.10
C PRO B 8 6.17 -22.41 14.09
N GLU B 9 6.15 -23.03 15.27
CA GLU B 9 6.17 -24.49 15.35
CA GLU B 9 6.16 -24.49 15.38
C GLU B 9 4.99 -25.15 14.62
N ASN B 10 3.86 -24.46 14.57
CA ASN B 10 2.66 -25.01 13.93
C ASN B 10 2.46 -24.57 12.49
N PHE B 11 3.51 -24.06 11.86
CA PHE B 11 3.44 -23.59 10.47
C PHE B 11 2.84 -24.66 9.57
N LEU B 12 1.88 -24.27 8.73
CA LEU B 12 1.14 -25.22 7.92
C LEU B 12 1.83 -25.55 6.59
N TRP B 13 2.87 -26.38 6.65
CA TRP B 13 3.46 -26.94 5.45
C TRP B 13 2.49 -27.92 4.81
N GLY B 14 2.34 -27.86 3.50
CA GLY B 14 1.48 -28.84 2.85
C GLY B 14 1.72 -28.91 1.36
N GLY B 15 0.64 -29.17 0.63
CA GLY B 15 0.66 -29.19 -0.81
C GLY B 15 -0.74 -28.86 -1.27
N ALA B 16 -0.86 -28.40 -2.52
CA ALA B 16 -2.14 -27.92 -3.02
C ALA B 16 -2.48 -28.48 -4.40
N VAL B 17 -3.75 -28.74 -4.61
CA VAL B 17 -4.27 -29.19 -5.90
C VAL B 17 -5.67 -28.59 -6.07
N ALA B 18 -6.35 -28.96 -7.15
CA ALA B 18 -7.74 -28.58 -7.38
C ALA B 18 -8.47 -29.80 -7.91
N ALA B 19 -9.70 -30.01 -7.46
CA ALA B 19 -10.46 -31.21 -7.78
C ALA B 19 -10.41 -31.58 -9.26
N HIS B 20 -10.75 -30.63 -10.12
CA HIS B 20 -10.88 -30.97 -11.54
C HIS B 20 -9.55 -31.33 -12.19
N GLN B 21 -8.45 -30.91 -11.57
CA GLN B 21 -7.14 -31.18 -12.17
C GLN B 21 -6.57 -32.55 -11.83
N LEU B 22 -7.08 -33.20 -10.78
CA LEU B 22 -6.54 -34.51 -10.40
C LEU B 22 -7.56 -35.63 -10.18
N GLU B 23 -8.79 -35.29 -9.85
CA GLU B 23 -9.74 -36.33 -9.42
C GLU B 23 -10.07 -37.39 -10.46
N GLY B 24 -10.36 -36.96 -11.67
CA GLY B 24 -10.98 -37.86 -12.63
C GLY B 24 -12.36 -38.24 -12.10
N GLY B 25 -12.83 -39.43 -12.46
CA GLY B 25 -14.16 -39.85 -12.05
C GLY B 25 -15.20 -38.79 -12.36
N TRP B 26 -15.11 -38.22 -13.56
CA TRP B 26 -15.87 -37.04 -13.91
C TRP B 26 -17.37 -37.27 -13.98
N GLN B 27 -17.79 -38.53 -13.98
CA GLN B 27 -19.21 -38.87 -14.00
C GLN B 27 -19.64 -39.67 -12.79
N GLU B 28 -18.69 -39.98 -11.91
CA GLU B 28 -18.96 -40.83 -10.76
C GLU B 28 -19.88 -40.14 -9.76
N GLY B 29 -20.69 -40.93 -9.08
CA GLY B 29 -21.56 -40.43 -8.03
C GLY B 29 -22.57 -39.40 -8.50
N GLY B 30 -22.87 -39.41 -9.80
CA GLY B 30 -23.83 -38.48 -10.36
C GLY B 30 -23.28 -37.09 -10.55
N LYS B 31 -21.96 -36.96 -10.54
CA LYS B 31 -21.31 -35.67 -10.74
C LYS B 31 -21.75 -35.03 -12.06
N GLY B 32 -21.99 -33.72 -12.04
CA GLY B 32 -22.38 -33.01 -13.23
C GLY B 32 -21.21 -32.56 -14.08
N ILE B 33 -21.50 -32.18 -15.33
CA ILE B 33 -20.48 -31.65 -16.23
C ILE B 33 -20.03 -30.27 -15.75
N SER B 34 -18.72 -30.10 -15.57
CA SER B 34 -18.18 -28.81 -15.16
C SER B 34 -17.58 -28.07 -16.35
N VAL B 35 -17.23 -26.81 -16.15
CA VAL B 35 -16.55 -26.06 -17.21
C VAL B 35 -15.21 -26.71 -17.58
N ALA B 36 -14.57 -27.39 -16.64
CA ALA B 36 -13.30 -28.04 -16.93
C ALA B 36 -13.52 -29.20 -17.89
N ASP B 37 -14.70 -29.80 -17.81
CA ASP B 37 -15.01 -30.98 -18.61
C ASP B 37 -15.26 -30.68 -20.09
N VAL B 38 -15.25 -29.39 -20.46
CA VAL B 38 -15.43 -29.00 -21.85
C VAL B 38 -14.23 -28.24 -22.40
N MET B 39 -13.10 -28.38 -21.72
CA MET B 39 -11.84 -27.77 -22.15
C MET B 39 -10.85 -28.83 -22.64
N THR B 40 -10.45 -28.73 -23.91
CA THR B 40 -9.52 -29.69 -24.49
C THR B 40 -8.09 -29.40 -24.09
N ALA B 41 -7.20 -30.35 -24.38
CA ALA B 41 -5.78 -30.17 -24.09
C ALA B 41 -5.11 -29.21 -25.07
N GLY B 42 -4.11 -28.48 -24.59
CA GLY B 42 -3.34 -27.60 -25.44
C GLY B 42 -1.85 -27.74 -25.14
N ARG B 43 -1.11 -26.66 -25.32
CA ARG B 43 0.33 -26.65 -25.02
C ARG B 43 0.82 -25.21 -24.97
N HIS B 44 2.09 -25.04 -24.61
CA HIS B 44 2.65 -23.69 -24.57
C HIS B 44 2.51 -23.06 -25.95
N GLY B 45 1.82 -21.93 -26.01
CA GLY B 45 1.62 -21.22 -27.26
C GLY B 45 0.34 -21.61 -27.97
N VAL B 46 -0.31 -22.67 -27.50
CA VAL B 46 -1.55 -23.15 -28.09
C VAL B 46 -2.66 -23.19 -27.04
N ALA B 47 -3.66 -22.32 -27.19
CA ALA B 47 -4.72 -22.24 -26.18
C ALA B 47 -5.63 -23.47 -26.20
N ARG B 48 -6.17 -23.81 -25.03
CA ARG B 48 -7.14 -24.89 -24.92
C ARG B 48 -8.43 -24.47 -25.61
N GLU B 49 -9.08 -25.42 -26.28
CA GLU B 49 -10.36 -25.16 -26.91
C GLU B 49 -11.52 -25.31 -25.92
N ILE B 50 -12.34 -24.27 -25.82
CA ILE B 50 -13.55 -24.33 -25.00
C ILE B 50 -14.73 -24.68 -25.89
N THR B 51 -15.20 -25.91 -25.78
CA THR B 51 -16.24 -26.40 -26.69
C THR B 51 -17.64 -26.29 -26.11
N ALA B 52 -18.63 -26.30 -26.99
CA ALA B 52 -20.03 -26.24 -26.59
C ALA B 52 -20.52 -27.62 -26.18
N GLY B 53 -20.13 -28.04 -24.98
CA GLY B 53 -20.47 -29.37 -24.49
C GLY B 53 -19.35 -30.36 -24.78
N VAL B 54 -19.55 -31.61 -24.41
CA VAL B 54 -18.56 -32.65 -24.65
C VAL B 54 -18.72 -33.26 -26.06
N LEU B 55 -17.78 -32.95 -26.93
CA LEU B 55 -17.88 -33.32 -28.34
C LEU B 55 -16.97 -34.49 -28.73
N GLU B 56 -17.40 -35.25 -29.73
CA GLU B 56 -16.61 -36.34 -30.27
C GLU B 56 -15.41 -35.80 -31.04
N GLY B 57 -14.30 -36.51 -30.98
CA GLY B 57 -13.09 -36.12 -31.70
C GLY B 57 -12.25 -35.13 -30.93
N LYS B 58 -12.66 -34.81 -29.71
CA LYS B 58 -11.90 -33.91 -28.86
C LYS B 58 -11.29 -34.66 -27.68
N TYR B 59 -10.13 -34.20 -27.23
CA TYR B 59 -9.52 -34.79 -26.04
C TYR B 59 -9.71 -33.90 -24.82
N TYR B 60 -10.37 -34.45 -23.80
CA TYR B 60 -10.62 -33.72 -22.56
C TYR B 60 -9.85 -34.35 -21.41
N PRO B 61 -8.67 -33.80 -21.10
CA PRO B 61 -7.75 -34.42 -20.12
C PRO B 61 -8.31 -34.49 -18.70
N ASN B 62 -9.28 -33.64 -18.36
CA ASN B 62 -9.80 -33.60 -16.99
C ASN B 62 -10.82 -34.70 -16.67
N HIS B 63 -11.32 -35.37 -17.70
CA HIS B 63 -12.28 -36.45 -17.47
C HIS B 63 -11.70 -37.54 -16.58
N GLU B 64 -10.46 -37.93 -16.86
CA GLU B 64 -9.81 -38.99 -16.08
C GLU B 64 -8.69 -38.42 -15.21
N ALA B 65 -8.05 -37.36 -15.68
CA ALA B 65 -6.93 -36.76 -14.95
C ALA B 65 -6.01 -37.87 -14.43
N ILE B 66 -5.69 -37.85 -13.13
CA ILE B 66 -4.85 -38.92 -12.57
C ILE B 66 -5.61 -39.90 -11.68
N ASP B 67 -6.94 -39.86 -11.78
CA ASP B 67 -7.81 -40.80 -11.07
C ASP B 67 -7.61 -40.78 -9.55
N PHE B 68 -7.36 -39.60 -8.99
CA PHE B 68 -7.27 -39.41 -7.55
C PHE B 68 -8.57 -39.81 -6.85
N TYR B 69 -9.69 -39.68 -7.57
CA TYR B 69 -10.98 -40.12 -7.05
C TYR B 69 -10.87 -41.57 -6.53
N HIS B 70 -10.11 -42.40 -7.23
CA HIS B 70 -9.92 -43.78 -6.81
C HIS B 70 -8.63 -44.06 -6.04
N HIS B 71 -7.62 -43.24 -6.26
CA HIS B 71 -6.27 -43.46 -5.71
CA HIS B 71 -6.31 -43.53 -5.66
C HIS B 71 -6.00 -42.69 -4.42
N TYR B 72 -6.96 -41.87 -3.98
CA TYR B 72 -6.68 -40.92 -2.89
C TYR B 72 -6.11 -41.54 -1.61
N LYS B 73 -6.53 -42.75 -1.25
CA LYS B 73 -6.01 -43.31 -0.01
C LYS B 73 -4.51 -43.56 -0.09
N GLU B 74 -4.06 -44.07 -1.23
CA GLU B 74 -2.63 -44.26 -1.46
C GLU B 74 -1.88 -42.93 -1.63
N ASP B 75 -2.48 -41.99 -2.34
CA ASP B 75 -1.88 -40.68 -2.52
C ASP B 75 -1.71 -39.96 -1.18
N VAL B 76 -2.74 -40.02 -0.34
CA VAL B 76 -2.67 -39.37 0.97
C VAL B 76 -1.57 -40.00 1.84
N LYS B 77 -1.38 -41.31 1.71
CA LYS B 77 -0.25 -41.98 2.37
C LYS B 77 1.08 -41.32 2.00
N LEU B 78 1.21 -40.92 0.74
CA LEU B 78 2.45 -40.29 0.28
C LEU B 78 2.60 -38.90 0.89
N PHE B 79 1.50 -38.15 0.94
CA PHE B 79 1.50 -36.83 1.58
C PHE B 79 1.95 -36.98 3.04
N ALA B 80 1.47 -38.03 3.71
CA ALA B 80 1.83 -38.28 5.10
C ALA B 80 3.31 -38.62 5.24
N GLU B 81 3.86 -39.36 4.27
CA GLU B 81 5.26 -39.71 4.28
CA GLU B 81 5.27 -39.71 4.28
C GLU B 81 6.14 -38.45 4.18
N MET B 82 5.69 -37.48 3.38
CA MET B 82 6.43 -36.22 3.31
C MET B 82 6.22 -35.40 4.58
N GLY B 83 5.19 -35.76 5.34
CA GLY B 83 4.90 -35.09 6.60
C GLY B 83 4.03 -33.84 6.45
N PHE B 84 3.16 -33.82 5.45
CA PHE B 84 2.26 -32.68 5.29
C PHE B 84 1.55 -32.39 6.61
N LYS B 85 1.43 -31.10 6.94
CA LYS B 85 0.60 -30.63 8.04
C LYS B 85 -0.79 -30.20 7.56
N CYS B 86 -0.90 -29.97 6.26
CA CYS B 86 -2.18 -29.64 5.64
C CYS B 86 -2.21 -30.08 4.19
N PHE B 87 -3.40 -30.09 3.62
CA PHE B 87 -3.58 -30.45 2.23
C PHE B 87 -4.67 -29.57 1.66
N ARG B 88 -4.33 -28.79 0.65
CA ARG B 88 -5.29 -27.88 0.04
C ARG B 88 -5.87 -28.48 -1.20
N THR B 89 -7.19 -28.50 -1.28
CA THR B 89 -7.85 -28.92 -2.51
C THR B 89 -9.17 -28.18 -2.62
N SER B 90 -9.92 -28.50 -3.66
CA SER B 90 -11.24 -27.89 -3.79
C SER B 90 -12.31 -28.93 -3.65
N ILE B 91 -13.49 -28.48 -3.24
CA ILE B 91 -14.68 -29.32 -3.30
C ILE B 91 -15.30 -29.09 -4.67
N ALA B 92 -15.39 -30.15 -5.48
CA ALA B 92 -15.96 -30.03 -6.81
C ALA B 92 -17.42 -29.61 -6.71
N TRP B 93 -17.71 -28.38 -7.10
CA TRP B 93 -19.07 -27.87 -7.12
C TRP B 93 -20.02 -28.89 -7.78
N THR B 94 -19.62 -29.47 -8.91
CA THR B 94 -20.47 -30.39 -9.65
C THR B 94 -20.69 -31.73 -8.95
N ARG B 95 -19.90 -32.05 -7.93
CA ARG B 95 -20.18 -33.25 -7.14
C ARG B 95 -21.28 -33.00 -6.12
N ILE B 96 -21.43 -31.73 -5.72
CA ILE B 96 -22.42 -31.40 -4.71
C ILE B 96 -23.73 -30.91 -5.32
N PHE B 97 -23.63 -30.14 -6.40
CA PHE B 97 -24.78 -29.67 -7.17
C PHE B 97 -24.43 -29.82 -8.64
N PRO B 98 -24.73 -31.00 -9.20
CA PRO B 98 -24.34 -31.34 -10.57
C PRO B 98 -24.74 -30.28 -11.60
N LYS B 99 -25.95 -29.74 -11.47
CA LYS B 99 -26.42 -28.71 -12.38
C LYS B 99 -26.25 -27.32 -11.78
N GLY B 100 -26.35 -27.24 -10.46
CA GLY B 100 -26.12 -25.99 -9.76
C GLY B 100 -27.37 -25.45 -9.09
N ASP B 101 -28.53 -25.71 -9.70
CA ASP B 101 -29.78 -25.13 -9.22
C ASP B 101 -30.71 -26.14 -8.54
N GLU B 102 -30.16 -27.29 -8.14
CA GLU B 102 -30.96 -28.28 -7.42
C GLU B 102 -31.38 -27.77 -6.06
N ALA B 103 -32.53 -28.24 -5.58
CA ALA B 103 -33.03 -27.89 -4.26
C ALA B 103 -32.23 -28.55 -3.14
N GLU B 104 -31.71 -29.74 -3.40
CA GLU B 104 -30.97 -30.49 -2.39
C GLU B 104 -29.62 -30.93 -2.93
N PRO B 105 -28.61 -31.03 -2.05
CA PRO B 105 -27.26 -31.41 -2.49
C PRO B 105 -27.17 -32.90 -2.80
N ASN B 106 -26.09 -33.28 -3.46
CA ASN B 106 -25.84 -34.65 -3.85
C ASN B 106 -25.11 -35.39 -2.73
N GLU B 107 -25.78 -36.39 -2.17
CA GLU B 107 -25.22 -37.16 -1.06
C GLU B 107 -23.92 -37.91 -1.39
N ALA B 108 -23.86 -38.55 -2.56
CA ALA B 108 -22.64 -39.24 -2.98
C ALA B 108 -21.42 -38.29 -3.06
N GLY B 109 -21.65 -37.06 -3.53
CA GLY B 109 -20.59 -36.07 -3.57
C GLY B 109 -20.14 -35.68 -2.18
N LEU B 110 -21.10 -35.42 -1.29
CA LEU B 110 -20.76 -35.01 0.06
C LEU B 110 -20.00 -36.13 0.77
N GLN B 111 -20.42 -37.36 0.52
CA GLN B 111 -19.76 -38.49 1.14
C GLN B 111 -18.32 -38.64 0.67
N PHE B 112 -18.05 -38.31 -0.60
CA PHE B 112 -16.69 -38.43 -1.09
C PHE B 112 -15.75 -37.53 -0.32
N TYR B 113 -16.18 -36.29 -0.06
CA TYR B 113 -15.32 -35.37 0.69
C TYR B 113 -15.24 -35.71 2.17
N ASP B 114 -16.30 -36.29 2.72
CA ASP B 114 -16.20 -36.88 4.05
C ASP B 114 -15.08 -37.91 4.07
N ASP B 115 -15.08 -38.81 3.09
CA ASP B 115 -14.06 -39.84 3.02
C ASP B 115 -12.67 -39.26 2.84
N LEU B 116 -12.54 -38.30 1.93
CA LEU B 116 -11.26 -37.68 1.68
C LEU B 116 -10.72 -36.92 2.90
N PHE B 117 -11.55 -36.07 3.50
CA PHE B 117 -11.11 -35.31 4.65
C PHE B 117 -10.81 -36.23 5.84
N ASP B 118 -11.61 -37.27 6.01
CA ASP B 118 -11.36 -38.23 7.08
C ASP B 118 -9.99 -38.88 6.90
N GLU B 119 -9.65 -39.19 5.65
CA GLU B 119 -8.40 -39.87 5.37
C GLU B 119 -7.23 -38.94 5.69
N CYS B 120 -7.35 -37.67 5.32
CA CYS B 120 -6.33 -36.69 5.65
C CYS B 120 -6.13 -36.59 7.15
N LEU B 121 -7.22 -36.47 7.88
CA LEU B 121 -7.17 -36.27 9.32
C LEU B 121 -6.56 -37.46 10.06
N LYS B 122 -6.72 -38.66 9.49
CA LYS B 122 -6.10 -39.86 10.05
C LYS B 122 -4.60 -39.72 10.19
N TYR B 123 -3.99 -38.95 9.30
CA TYR B 123 -2.54 -38.77 9.28
C TYR B 123 -2.14 -37.41 9.84
N GLY B 124 -3.07 -36.72 10.47
CA GLY B 124 -2.77 -35.41 11.05
C GLY B 124 -2.62 -34.33 10.00
N ILE B 125 -3.31 -34.51 8.88
CA ILE B 125 -3.25 -33.53 7.79
C ILE B 125 -4.54 -32.74 7.78
N GLU B 126 -4.44 -31.43 8.03
CA GLU B 126 -5.61 -30.55 8.05
C GLU B 126 -6.02 -30.16 6.64
N PRO B 127 -7.30 -30.41 6.28
CA PRO B 127 -7.77 -29.94 4.98
C PRO B 127 -7.84 -28.41 4.88
N VAL B 128 -7.51 -27.89 3.72
CA VAL B 128 -7.69 -26.49 3.40
C VAL B 128 -8.52 -26.50 2.13
N VAL B 129 -9.72 -25.92 2.18
CA VAL B 129 -10.68 -26.10 1.08
C VAL B 129 -11.01 -24.81 0.35
N THR B 130 -10.85 -24.85 -0.96
CA THR B 130 -11.32 -23.79 -1.86
C THR B 130 -12.72 -24.18 -2.35
N LEU B 131 -13.70 -23.29 -2.19
CA LEU B 131 -15.06 -23.60 -2.62
C LEU B 131 -15.24 -23.62 -4.14
N SER B 132 -14.78 -22.57 -4.82
CA SER B 132 -14.87 -22.53 -6.27
C SER B 132 -13.48 -22.44 -6.89
N HIS B 133 -13.06 -23.49 -7.58
CA HIS B 133 -11.76 -23.52 -8.24
C HIS B 133 -11.89 -23.92 -9.72
N PHE B 134 -12.42 -23.01 -10.53
CA PHE B 134 -12.40 -23.13 -11.99
C PHE B 134 -13.20 -24.33 -12.46
N GLU B 135 -14.30 -24.61 -11.78
CA GLU B 135 -15.00 -25.86 -12.06
C GLU B 135 -16.49 -25.76 -11.80
N LEU B 136 -17.06 -24.59 -12.09
CA LEU B 136 -18.49 -24.44 -11.86
C LEU B 136 -19.29 -25.34 -12.80
N PRO B 137 -20.52 -25.65 -12.41
CA PRO B 137 -21.36 -26.52 -13.26
C PRO B 137 -21.62 -25.88 -14.62
N TYR B 138 -21.42 -26.65 -15.69
CA TYR B 138 -21.62 -26.14 -17.04
C TYR B 138 -23.09 -25.74 -17.26
N HIS B 139 -23.99 -26.40 -16.54
CA HIS B 139 -25.41 -26.06 -16.63
C HIS B 139 -25.64 -24.61 -16.22
N LEU B 140 -24.90 -24.13 -15.23
CA LEU B 140 -25.03 -22.74 -14.81
C LEU B 140 -24.61 -21.80 -15.92
N VAL B 141 -23.63 -22.24 -16.72
CA VAL B 141 -23.21 -21.47 -17.88
C VAL B 141 -24.29 -21.41 -18.96
N THR B 142 -24.74 -22.57 -19.43
CA THR B 142 -25.70 -22.60 -20.53
C THR B 142 -27.06 -22.06 -20.13
N GLU B 143 -27.48 -22.34 -18.91
CA GLU B 143 -28.85 -22.02 -18.49
C GLU B 143 -28.99 -20.61 -17.93
N TYR B 144 -27.97 -20.13 -17.23
CA TYR B 144 -28.08 -18.85 -16.52
C TYR B 144 -27.08 -17.80 -16.98
N GLY B 145 -26.04 -18.25 -17.69
CA GLY B 145 -24.97 -17.36 -18.09
C GLY B 145 -23.91 -17.20 -17.02
N GLY B 146 -23.75 -18.22 -16.19
CA GLY B 146 -22.73 -18.18 -15.15
C GLY B 146 -22.90 -17.02 -14.20
N PHE B 147 -21.79 -16.47 -13.72
CA PHE B 147 -21.84 -15.39 -12.75
C PHE B 147 -22.16 -14.04 -13.34
N THR B 148 -22.65 -14.00 -14.58
CA THR B 148 -23.23 -12.76 -15.09
C THR B 148 -24.64 -12.61 -14.55
N ASN B 149 -25.14 -13.65 -13.89
CA ASN B 149 -26.53 -13.71 -13.46
C ASN B 149 -26.62 -13.63 -11.94
N ARG B 150 -27.36 -12.66 -11.43
CA ARG B 150 -27.49 -12.49 -9.98
C ARG B 150 -28.01 -13.77 -9.31
N LYS B 151 -28.78 -14.57 -10.04
CA LYS B 151 -29.29 -15.83 -9.52
C LYS B 151 -28.18 -16.79 -9.09
N VAL B 152 -27.05 -16.70 -9.76
CA VAL B 152 -25.95 -17.61 -9.48
C VAL B 152 -25.30 -17.31 -8.12
N ILE B 153 -25.49 -16.10 -7.63
CA ILE B 153 -25.03 -15.79 -6.28
C ILE B 153 -25.69 -16.73 -5.27
N ASP B 154 -27.03 -16.83 -5.31
CA ASP B 154 -27.75 -17.69 -4.39
C ASP B 154 -27.34 -19.15 -4.55
N PHE B 155 -27.13 -19.60 -5.79
CA PHE B 155 -26.67 -20.97 -6.02
C PHE B 155 -25.32 -21.23 -5.34
N PHE B 156 -24.38 -20.28 -5.44
CA PHE B 156 -23.08 -20.45 -4.79
C PHE B 156 -23.21 -20.46 -3.27
N VAL B 157 -23.98 -19.52 -2.74
CA VAL B 157 -24.15 -19.43 -1.30
C VAL B 157 -24.80 -20.70 -0.73
N HIS B 158 -25.74 -21.26 -1.48
CA HIS B 158 -26.36 -22.53 -1.10
C HIS B 158 -25.30 -23.65 -1.02
N PHE B 159 -24.50 -23.75 -2.06
CA PHE B 159 -23.38 -24.70 -2.13
C PHE B 159 -22.42 -24.47 -0.96
N ALA B 160 -22.04 -23.21 -0.71
CA ALA B 160 -21.11 -22.91 0.37
C ALA B 160 -21.70 -23.31 1.73
N GLU B 161 -22.96 -22.95 1.95
CA GLU B 161 -23.62 -23.25 3.21
C GLU B 161 -23.67 -24.76 3.47
N VAL B 162 -24.05 -25.53 2.45
CA VAL B 162 -24.06 -26.99 2.55
C VAL B 162 -22.69 -27.52 2.95
N CYS B 163 -21.64 -27.01 2.32
CA CYS B 163 -20.29 -27.47 2.62
C CYS B 163 -19.86 -27.08 4.02
N PHE B 164 -20.09 -25.82 4.40
CA PHE B 164 -19.71 -25.36 5.73
C PHE B 164 -20.39 -26.22 6.78
N ARG B 165 -21.67 -26.51 6.59
CA ARG B 165 -22.41 -27.30 7.57
C ARG B 165 -21.89 -28.75 7.64
N ARG B 166 -21.64 -29.34 6.48
CA ARG B 166 -21.25 -30.75 6.42
C ARG B 166 -19.88 -30.96 7.06
N TYR B 167 -18.97 -30.01 6.80
CA TYR B 167 -17.57 -30.15 7.20
C TYR B 167 -17.15 -29.20 8.31
N LYS B 168 -18.13 -28.65 9.03
CA LYS B 168 -17.85 -27.64 10.05
C LYS B 168 -16.89 -28.12 11.14
N ASP B 169 -16.81 -29.43 11.32
CA ASP B 169 -15.93 -29.99 12.35
C ASP B 169 -14.76 -30.79 11.77
N LYS B 170 -14.53 -30.63 10.47
CA LYS B 170 -13.46 -31.35 9.79
C LYS B 170 -12.50 -30.43 9.04
N VAL B 171 -13.00 -29.28 8.61
CA VAL B 171 -12.19 -28.33 7.83
C VAL B 171 -12.09 -27.01 8.57
N LYS B 172 -10.88 -26.60 8.90
CA LYS B 172 -10.67 -25.35 9.66
C LYS B 172 -10.34 -24.16 8.77
N TYR B 173 -9.89 -24.43 7.56
CA TYR B 173 -9.39 -23.38 6.66
C TYR B 173 -10.13 -23.43 5.35
N TRP B 174 -10.71 -22.29 4.96
CA TRP B 174 -11.55 -22.22 3.77
C TRP B 174 -11.16 -21.00 2.96
N MET B 175 -11.37 -21.09 1.65
CA MET B 175 -11.30 -19.91 0.77
C MET B 175 -12.50 -19.97 -0.16
N THR B 176 -12.97 -18.80 -0.61
CA THR B 176 -14.18 -18.78 -1.43
C THR B 176 -13.91 -18.96 -2.92
N PHE B 177 -13.27 -17.98 -3.56
CA PHE B 177 -13.06 -18.02 -5.01
C PHE B 177 -11.58 -18.09 -5.37
N ASN B 178 -11.15 -19.20 -5.95
CA ASN B 178 -9.77 -19.28 -6.41
C ASN B 178 -9.36 -18.14 -7.34
N GLU B 179 -8.20 -17.54 -7.07
CA GLU B 179 -7.63 -16.51 -7.94
C GLU B 179 -8.71 -15.64 -8.56
N ILE B 180 -9.47 -14.97 -7.72
CA ILE B 180 -10.66 -14.26 -8.18
C ILE B 180 -10.29 -13.14 -9.15
N ASN B 181 -9.04 -12.66 -9.08
CA ASN B 181 -8.61 -11.56 -9.91
C ASN B 181 -8.07 -11.98 -11.28
N ASN B 182 -7.97 -13.28 -11.54
CA ASN B 182 -7.45 -13.71 -12.84
C ASN B 182 -8.24 -13.11 -13.99
N GLN B 183 -9.55 -13.06 -13.80
CA GLN B 183 -10.46 -12.60 -14.85
C GLN B 183 -10.24 -11.16 -15.25
N ALA B 184 -9.44 -10.42 -14.48
CA ALA B 184 -9.06 -9.06 -14.85
C ALA B 184 -8.46 -9.06 -16.25
N ASN B 185 -7.77 -10.13 -16.61
CA ASN B 185 -7.36 -10.31 -17.99
C ASN B 185 -8.57 -10.81 -18.76
N TYR B 186 -9.38 -9.86 -19.21
CA TYR B 186 -10.62 -10.15 -19.91
C TYR B 186 -10.38 -10.28 -21.41
N GLN B 187 -9.19 -9.89 -21.84
CA GLN B 187 -8.86 -9.92 -23.27
C GLN B 187 -8.85 -11.36 -23.78
N GLU B 188 -8.35 -12.27 -22.95
CA GLU B 188 -8.35 -13.68 -23.31
C GLU B 188 -9.56 -14.38 -22.71
N ASP B 189 -9.95 -15.50 -23.30
CA ASP B 189 -11.15 -16.21 -22.85
C ASP B 189 -10.93 -17.04 -21.58
N PHE B 190 -9.69 -17.40 -21.28
CA PHE B 190 -9.43 -18.35 -20.18
C PHE B 190 -10.01 -17.93 -18.85
N ALA B 191 -9.60 -16.76 -18.36
CA ALA B 191 -10.05 -16.32 -17.04
C ALA B 191 -11.58 -16.16 -16.94
N PRO B 192 -12.20 -15.44 -17.89
CA PRO B 192 -13.66 -15.25 -17.81
C PRO B 192 -14.46 -16.57 -17.79
N PHE B 193 -14.02 -17.53 -18.58
CA PHE B 193 -14.73 -18.80 -18.61
C PHE B 193 -14.51 -19.60 -17.33
N THR B 194 -13.28 -19.57 -16.81
CA THR B 194 -12.95 -20.35 -15.60
C THR B 194 -13.35 -19.68 -14.29
N ASN B 195 -12.96 -18.43 -14.10
CA ASN B 195 -13.38 -17.74 -12.89
C ASN B 195 -14.91 -17.74 -12.80
N SER B 196 -15.59 -17.54 -13.93
CA SER B 196 -16.93 -16.98 -13.87
C SER B 196 -18.02 -17.57 -14.76
N GLY B 197 -17.68 -18.55 -15.61
CA GLY B 197 -18.67 -19.17 -16.47
C GLY B 197 -19.21 -18.23 -17.53
N ILE B 198 -18.36 -17.32 -17.99
CA ILE B 198 -18.72 -16.36 -19.03
C ILE B 198 -18.33 -16.88 -20.39
N VAL B 199 -19.31 -16.95 -21.29
CA VAL B 199 -19.05 -17.22 -22.69
C VAL B 199 -19.42 -15.97 -23.47
N TYR B 200 -18.44 -15.40 -24.15
CA TYR B 200 -18.64 -14.16 -24.87
C TYR B 200 -19.24 -14.44 -26.25
N LYS B 201 -19.94 -13.44 -26.77
CA LYS B 201 -20.48 -13.50 -28.11
C LYS B 201 -20.06 -12.21 -28.80
N GLU B 202 -20.22 -12.14 -30.12
CA GLU B 202 -19.85 -10.94 -30.85
CA GLU B 202 -19.85 -10.94 -30.86
C GLU B 202 -20.63 -9.74 -30.34
N GLY B 203 -19.92 -8.63 -30.12
CA GLY B 203 -20.55 -7.41 -29.68
C GLY B 203 -20.55 -7.19 -28.19
N ASP B 204 -20.16 -8.21 -27.43
CA ASP B 204 -20.06 -8.09 -25.99
C ASP B 204 -18.95 -7.15 -25.58
N ASP B 205 -19.24 -6.27 -24.62
CA ASP B 205 -18.20 -5.51 -23.94
C ASP B 205 -17.61 -6.45 -22.91
N ARG B 206 -16.50 -7.08 -23.26
CA ARG B 206 -15.91 -8.12 -22.43
C ARG B 206 -15.54 -7.62 -21.03
N GLU B 207 -15.05 -6.39 -20.97
CA GLU B 207 -14.62 -5.78 -19.72
C GLU B 207 -15.80 -5.48 -18.80
N ALA B 208 -16.84 -4.85 -19.33
CA ALA B 208 -18.02 -4.54 -18.54
C ALA B 208 -18.66 -5.80 -17.97
N ILE B 209 -18.73 -6.84 -18.78
CA ILE B 209 -19.31 -8.11 -18.31
C ILE B 209 -18.43 -8.74 -17.24
N MET B 210 -17.11 -8.72 -17.42
CA MET B 210 -16.21 -9.21 -16.40
C MET B 210 -16.46 -8.50 -15.07
N TYR B 211 -16.57 -7.18 -15.10
CA TYR B 211 -16.72 -6.45 -13.85
C TYR B 211 -18.02 -6.82 -13.13
N GLN B 212 -19.07 -7.04 -13.89
CA GLN B 212 -20.36 -7.46 -13.33
C GLN B 212 -20.25 -8.82 -12.66
N ALA B 213 -19.61 -9.78 -13.33
CA ALA B 213 -19.44 -11.11 -12.75
C ALA B 213 -18.56 -11.10 -11.51
N ALA B 214 -17.49 -10.30 -11.57
CA ALA B 214 -16.60 -10.15 -10.43
C ALA B 214 -17.36 -9.56 -9.24
N HIS B 215 -18.24 -8.60 -9.53
CA HIS B 215 -19.04 -8.00 -8.48
C HIS B 215 -19.91 -9.06 -7.81
N TYR B 216 -20.61 -9.84 -8.62
CA TYR B 216 -21.49 -10.86 -8.07
C TYR B 216 -20.71 -11.90 -7.27
N GLU B 217 -19.49 -12.22 -7.72
CA GLU B 217 -18.63 -13.15 -6.97
C GLU B 217 -18.15 -12.56 -5.64
N LEU B 218 -17.82 -11.27 -5.63
CA LEU B 218 -17.42 -10.63 -4.38
C LEU B 218 -18.58 -10.61 -3.41
N VAL B 219 -19.78 -10.35 -3.91
CA VAL B 219 -20.97 -10.40 -3.07
C VAL B 219 -21.23 -11.82 -2.56
N ALA B 220 -21.11 -12.79 -3.44
CA ALA B 220 -21.29 -14.19 -3.04
C ALA B 220 -20.29 -14.61 -1.97
N SER B 221 -19.04 -14.21 -2.17
CA SER B 221 -17.98 -14.50 -1.19
C SER B 221 -18.37 -13.92 0.17
N ALA B 222 -18.77 -12.66 0.18
CA ALA B 222 -19.09 -11.99 1.44
C ALA B 222 -20.26 -12.63 2.16
N ARG B 223 -21.30 -13.00 1.40
CA ARG B 223 -22.44 -13.68 2.00
C ARG B 223 -21.97 -15.01 2.58
N ALA B 224 -21.08 -15.70 1.87
CA ALA B 224 -20.61 -17.00 2.33
C ALA B 224 -19.78 -16.90 3.61
N VAL B 225 -18.94 -15.88 3.70
CA VAL B 225 -18.12 -15.68 4.88
C VAL B 225 -19.00 -15.54 6.11
N LYS B 226 -20.02 -14.69 6.00
CA LYS B 226 -20.91 -14.46 7.14
CA LYS B 226 -20.90 -14.46 7.14
C LYS B 226 -21.63 -15.73 7.56
N ILE B 227 -22.13 -16.49 6.58
CA ILE B 227 -22.83 -17.72 6.85
C ILE B 227 -21.92 -18.80 7.46
N GLY B 228 -20.70 -18.91 6.94
CA GLY B 228 -19.77 -19.87 7.51
C GLY B 228 -19.47 -19.57 8.96
N HIS B 229 -19.24 -18.31 9.29
CA HIS B 229 -18.96 -17.95 10.69
C HIS B 229 -20.17 -18.20 11.60
N ALA B 230 -21.36 -18.03 11.06
CA ALA B 230 -22.58 -18.31 11.82
C ALA B 230 -22.69 -19.80 12.15
N ILE B 231 -22.27 -20.63 11.21
CA ILE B 231 -22.29 -22.08 11.37
C ILE B 231 -21.23 -22.52 12.38
N ASN B 232 -20.05 -21.92 12.28
CA ASN B 232 -18.97 -22.19 13.22
C ASN B 232 -18.04 -20.99 13.25
N PRO B 233 -18.09 -20.21 14.33
CA PRO B 233 -17.33 -18.96 14.40
C PRO B 233 -15.82 -19.16 14.39
N ASN B 234 -15.38 -20.40 14.62
CA ASN B 234 -13.95 -20.71 14.60
C ASN B 234 -13.39 -20.93 13.20
N LEU B 235 -14.26 -21.03 12.19
CA LEU B 235 -13.79 -21.26 10.82
C LEU B 235 -12.94 -20.10 10.35
N ASN B 236 -11.80 -20.43 9.75
CA ASN B 236 -10.95 -19.43 9.13
C ASN B 236 -11.32 -19.35 7.66
N ILE B 237 -11.89 -18.22 7.24
CA ILE B 237 -12.39 -18.11 5.89
C ILE B 237 -11.73 -16.96 5.17
N GLY B 238 -10.98 -17.30 4.12
CA GLY B 238 -10.16 -16.31 3.43
C GLY B 238 -10.53 -16.10 1.98
N CYS B 239 -9.92 -15.08 1.38
CA CYS B 239 -9.99 -14.91 -0.07
C CYS B 239 -8.81 -15.61 -0.71
N MET B 240 -8.79 -15.59 -2.04
CA MET B 240 -7.67 -16.16 -2.77
C MET B 240 -7.43 -15.28 -3.99
N VAL B 241 -6.26 -14.64 -4.03
CA VAL B 241 -5.87 -13.87 -5.20
C VAL B 241 -4.57 -14.38 -5.79
N ALA B 242 -4.45 -14.26 -7.11
CA ALA B 242 -3.19 -14.54 -7.79
C ALA B 242 -2.31 -13.33 -7.63
N MET B 243 -1.16 -13.50 -6.99
CA MET B 243 -0.27 -12.35 -6.78
C MET B 243 0.92 -12.39 -7.72
N CYS B 244 0.86 -11.55 -8.74
CA CYS B 244 1.95 -11.36 -9.67
C CYS B 244 2.35 -9.88 -9.55
N PRO B 245 3.37 -9.59 -8.73
CA PRO B 245 3.72 -8.18 -8.53
C PRO B 245 4.12 -7.53 -9.85
N ILE B 246 3.68 -6.29 -10.04
CA ILE B 246 3.99 -5.59 -11.27
C ILE B 246 4.97 -4.48 -10.94
N TYR B 247 6.21 -4.66 -11.40
CA TYR B 247 7.28 -3.70 -11.13
C TYR B 247 7.33 -2.64 -12.21
N PRO B 248 7.61 -1.39 -11.83
CA PRO B 248 7.95 -0.40 -12.86
C PRO B 248 9.28 -0.74 -13.51
N ALA B 249 9.39 -0.55 -14.82
CA ALA B 249 10.65 -0.87 -15.51
C ALA B 249 11.79 -0.02 -15.02
N THR B 250 11.51 1.26 -14.78
CA THR B 250 12.51 2.24 -14.37
C THR B 250 11.87 3.25 -13.45
N CYS B 251 12.69 4.15 -12.92
CA CYS B 251 12.21 5.25 -12.09
C CYS B 251 11.63 6.42 -12.88
N ASN B 252 11.47 6.26 -14.20
CA ASN B 252 10.69 7.25 -14.94
C ASN B 252 9.32 7.39 -14.25
N PRO B 253 8.93 8.62 -13.87
CA PRO B 253 7.67 8.74 -13.13
C PRO B 253 6.47 8.12 -13.88
N LYS B 254 6.51 8.10 -15.21
CA LYS B 254 5.44 7.46 -15.98
C LYS B 254 5.35 5.95 -15.76
N ASP B 255 6.52 5.30 -15.67
CA ASP B 255 6.56 3.86 -15.39
C ASP B 255 6.05 3.59 -13.98
N ILE B 256 6.42 4.45 -13.05
CA ILE B 256 6.03 4.32 -11.65
C ILE B 256 4.50 4.37 -11.56
N LEU B 257 3.90 5.37 -12.20
CA LEU B 257 2.44 5.51 -12.14
C LEU B 257 1.75 4.33 -12.83
N MET B 258 2.33 3.86 -13.95
CA MET B 258 1.73 2.71 -14.63
C MET B 258 1.68 1.50 -13.71
N ALA B 259 2.75 1.27 -12.96
CA ALA B 259 2.81 0.11 -12.08
C ALA B 259 1.80 0.25 -10.96
N GLN B 260 1.71 1.45 -10.41
CA GLN B 260 0.80 1.68 -9.29
C GLN B 260 -0.63 1.45 -9.74
N LYS B 261 -0.97 1.99 -10.90
CA LYS B 261 -2.34 1.92 -11.39
C LYS B 261 -2.68 0.52 -11.89
N ALA B 262 -1.68 -0.21 -12.37
CA ALA B 262 -1.92 -1.60 -12.77
C ALA B 262 -2.19 -2.47 -11.55
N MET B 263 -1.39 -2.31 -10.49
CA MET B 263 -1.65 -3.02 -9.25
C MET B 263 -3.05 -2.69 -8.70
N GLN B 264 -3.45 -1.44 -8.80
CA GLN B 264 -4.77 -1.05 -8.33
C GLN B 264 -5.85 -1.86 -9.04
N LYS B 265 -5.70 -2.03 -10.34
CA LYS B 265 -6.74 -2.68 -11.14
C LYS B 265 -6.73 -4.19 -10.97
N ARG B 266 -5.56 -4.76 -10.67
CA ARG B 266 -5.48 -6.20 -10.51
CA ARG B 266 -5.46 -6.21 -10.51
C ARG B 266 -5.78 -6.64 -9.07
N TYR B 267 -5.74 -5.70 -8.13
CA TYR B 267 -5.92 -6.08 -6.72
C TYR B 267 -7.07 -5.41 -6.01
N TYR B 268 -7.90 -4.66 -6.74
CA TYR B 268 -9.08 -4.10 -6.11
C TYR B 268 -9.94 -5.21 -5.48
N PHE B 269 -9.85 -6.41 -6.05
CA PHE B 269 -10.56 -7.56 -5.50
C PHE B 269 -10.18 -7.75 -4.04
N ALA B 270 -8.89 -7.64 -3.73
CA ALA B 270 -8.42 -7.79 -2.35
C ALA B 270 -8.94 -6.68 -1.46
N ASP B 271 -8.96 -5.45 -1.97
CA ASP B 271 -9.55 -4.35 -1.23
C ASP B 271 -10.98 -4.63 -0.83
N VAL B 272 -11.78 -5.15 -1.77
CA VAL B 272 -13.17 -5.46 -1.44
C VAL B 272 -13.25 -6.58 -0.39
N HIS B 273 -12.50 -7.67 -0.60
CA HIS B 273 -12.50 -8.80 0.33
C HIS B 273 -12.06 -8.38 1.75
N VAL B 274 -11.12 -7.45 1.83
CA VAL B 274 -10.51 -7.11 3.11
C VAL B 274 -11.18 -5.92 3.80
N HIS B 275 -11.38 -4.84 3.04
CA HIS B 275 -11.93 -3.61 3.59
C HIS B 275 -13.45 -3.58 3.55
N GLY B 276 -14.04 -4.33 2.61
CA GLY B 276 -15.49 -4.41 2.51
C GLY B 276 -16.14 -3.34 1.67
N PHE B 277 -15.33 -2.59 0.92
CA PHE B 277 -15.85 -1.59 0.01
C PHE B 277 -14.91 -1.44 -1.17
N TYR B 278 -15.43 -0.94 -2.29
CA TYR B 278 -14.63 -0.72 -3.48
C TYR B 278 -13.79 0.53 -3.38
N PRO B 279 -12.54 0.45 -3.88
CA PRO B 279 -11.77 1.69 -4.01
C PRO B 279 -12.45 2.65 -4.98
N GLU B 280 -12.30 3.95 -4.73
CA GLU B 280 -12.95 4.93 -5.58
CA GLU B 280 -12.95 4.93 -5.57
C GLU B 280 -12.44 4.93 -7.02
N HIS B 281 -11.18 4.52 -7.23
CA HIS B 281 -10.65 4.53 -8.58
C HIS B 281 -11.41 3.58 -9.50
N ILE B 282 -12.02 2.54 -8.92
CA ILE B 282 -12.82 1.64 -9.74
C ILE B 282 -14.08 2.32 -10.24
N PHE B 283 -14.78 3.00 -9.35
CA PHE B 283 -15.98 3.72 -9.79
C PHE B 283 -15.67 4.77 -10.87
N LYS B 284 -14.54 5.46 -10.73
CA LYS B 284 -14.17 6.47 -11.71
C LYS B 284 -13.87 5.83 -13.07
N TYR B 285 -13.19 4.68 -13.02
CA TYR B 285 -12.85 3.96 -14.24
C TYR B 285 -14.13 3.52 -14.95
N TRP B 286 -15.07 3.00 -14.19
CA TRP B 286 -16.33 2.54 -14.79
C TRP B 286 -17.02 3.72 -15.46
N GLU B 287 -16.95 4.88 -14.82
CA GLU B 287 -17.55 6.08 -15.41
C GLU B 287 -16.94 6.42 -16.76
N ARG B 288 -15.62 6.45 -16.85
CA ARG B 288 -14.95 6.78 -18.10
C ARG B 288 -15.29 5.78 -19.20
N LYS B 289 -15.44 4.51 -18.84
CA LYS B 289 -15.68 3.46 -19.82
C LYS B 289 -17.16 3.27 -20.11
N ALA B 290 -17.99 4.03 -19.39
CA ALA B 290 -19.45 3.88 -19.45
C ALA B 290 -19.90 2.47 -19.04
N ILE B 291 -19.14 1.87 -18.14
CA ILE B 291 -19.49 0.57 -17.58
C ILE B 291 -20.53 0.73 -16.47
N LYS B 292 -21.65 0.03 -16.60
CA LYS B 292 -22.70 0.03 -15.58
C LYS B 292 -22.73 -1.30 -14.87
N VAL B 293 -22.72 -1.27 -13.54
CA VAL B 293 -22.73 -2.49 -12.74
C VAL B 293 -23.96 -2.49 -11.84
N ASP B 294 -24.72 -3.59 -11.92
CA ASP B 294 -25.87 -3.81 -11.05
C ASP B 294 -25.33 -3.99 -9.62
N PHE B 295 -25.51 -2.97 -8.80
CA PHE B 295 -24.85 -2.86 -7.50
C PHE B 295 -25.88 -2.24 -6.55
N THR B 296 -26.39 -3.06 -5.64
CA THR B 296 -27.49 -2.63 -4.77
C THR B 296 -27.02 -2.23 -3.38
N GLU B 297 -27.90 -1.59 -2.61
CA GLU B 297 -27.60 -1.26 -1.23
C GLU B 297 -27.38 -2.54 -0.42
N ARG B 298 -28.16 -3.59 -0.68
CA ARG B 298 -27.95 -4.88 -0.03
C ARG B 298 -26.55 -5.42 -0.34
N ASP B 299 -26.11 -5.29 -1.59
CA ASP B 299 -24.74 -5.69 -1.95
C ASP B 299 -23.73 -4.96 -1.07
N LYS B 300 -23.95 -3.67 -0.86
CA LYS B 300 -23.01 -2.84 -0.12
C LYS B 300 -22.90 -3.35 1.32
N LYS B 301 -24.04 -3.68 1.91
CA LYS B 301 -24.09 -4.21 3.27
C LYS B 301 -23.43 -5.58 3.35
N ASP B 302 -23.78 -6.47 2.43
CA ASP B 302 -23.17 -7.80 2.40
C ASP B 302 -21.65 -7.70 2.32
N LEU B 303 -21.14 -6.87 1.41
CA LEU B 303 -19.70 -6.73 1.26
C LEU B 303 -19.07 -6.27 2.55
N PHE B 304 -19.69 -5.30 3.20
CA PHE B 304 -19.10 -4.74 4.42
C PHE B 304 -19.09 -5.74 5.56
N GLU B 305 -20.09 -6.62 5.59
CA GLU B 305 -20.26 -7.56 6.68
C GLU B 305 -19.59 -8.92 6.44
N GLY B 306 -18.96 -9.09 5.28
CA GLY B 306 -18.41 -10.39 4.92
C GLY B 306 -16.95 -10.35 4.55
N THR B 307 -16.19 -9.45 5.17
CA THR B 307 -14.75 -9.38 4.92
C THR B 307 -14.03 -10.60 5.49
N VAL B 308 -12.87 -10.90 4.92
CA VAL B 308 -12.21 -12.18 5.15
C VAL B 308 -11.29 -12.20 6.36
N ASP B 309 -10.98 -13.41 6.84
CA ASP B 309 -10.07 -13.60 7.98
C ASP B 309 -8.60 -13.57 7.57
N TYR B 310 -8.31 -13.97 6.34
CA TYR B 310 -6.94 -14.05 5.87
C TYR B 310 -6.89 -13.96 4.36
N ILE B 311 -5.70 -13.69 3.85
CA ILE B 311 -5.50 -13.63 2.42
C ILE B 311 -4.72 -14.84 1.95
N GLY B 312 -5.39 -15.76 1.26
CA GLY B 312 -4.69 -16.81 0.55
C GLY B 312 -4.21 -16.27 -0.77
N PHE B 313 -3.01 -16.68 -1.21
CA PHE B 313 -2.58 -16.26 -2.52
C PHE B 313 -1.66 -17.26 -3.21
N SER B 314 -1.65 -17.22 -4.53
CA SER B 314 -0.67 -17.95 -5.32
C SER B 314 0.46 -17.00 -5.70
N TYR B 315 1.66 -17.56 -5.78
CA TYR B 315 2.81 -16.82 -6.27
C TYR B 315 3.63 -17.73 -7.16
N TYR B 316 3.87 -17.29 -8.40
CA TYR B 316 4.74 -18.02 -9.32
C TYR B 316 5.78 -17.12 -9.96
N MET B 317 5.47 -15.84 -10.11
CA MET B 317 6.26 -14.95 -10.95
C MET B 317 5.91 -13.50 -10.69
N SER B 318 6.76 -12.62 -11.23
CA SER B 318 6.49 -11.18 -11.20
C SER B 318 6.50 -10.68 -12.63
N PHE B 319 5.99 -9.46 -12.82
CA PHE B 319 5.90 -8.81 -14.12
C PHE B 319 6.63 -7.47 -14.09
N VAL B 320 6.83 -6.89 -15.26
CA VAL B 320 7.33 -5.52 -15.38
C VAL B 320 6.47 -4.74 -16.37
N ILE B 321 6.19 -3.49 -16.04
CA ILE B 321 5.35 -2.64 -16.88
C ILE B 321 6.11 -1.36 -17.19
N ASP B 322 5.80 -0.75 -18.33
CA ASP B 322 6.32 0.59 -18.58
C ASP B 322 5.26 1.42 -19.30
N ALA B 323 5.61 2.65 -19.63
CA ALA B 323 4.66 3.56 -20.27
C ALA B 323 4.96 3.75 -21.75
N HIS B 324 5.47 2.71 -22.40
CA HIS B 324 5.86 2.83 -23.79
C HIS B 324 4.64 3.00 -24.70
N ARG B 325 3.49 2.55 -24.24
CA ARG B 325 2.32 2.53 -25.10
C ARG B 325 1.72 3.91 -25.32
N GLU B 326 1.54 4.21 -26.60
CA GLU B 326 0.92 5.43 -27.09
C GLU B 326 -0.56 5.48 -26.79
N ASN B 327 -1.15 6.66 -26.96
N ASN B 327 -1.11 6.68 -26.89
CA ASN B 327 -2.59 6.85 -26.77
CA ASN B 327 -2.54 6.87 -26.77
C ASN B 327 -3.10 6.24 -25.48
C ASN B 327 -3.08 6.23 -25.50
N ASN B 328 -2.43 6.53 -24.38
CA ASN B 328 -2.87 6.03 -23.08
C ASN B 328 -2.99 7.16 -22.07
N PRO B 329 -3.80 8.18 -22.40
CA PRO B 329 -3.86 9.38 -21.56
C PRO B 329 -4.41 9.11 -20.16
N TYR B 330 -5.17 8.02 -19.99
CA TYR B 330 -5.75 7.70 -18.69
C TYR B 330 -4.96 6.67 -17.91
N TYR B 331 -3.82 6.27 -18.45
CA TYR B 331 -3.00 5.26 -17.77
C TYR B 331 -3.77 3.96 -17.53
N ASP B 332 -4.54 3.55 -18.53
CA ASP B 332 -5.17 2.23 -18.53
C ASP B 332 -4.08 1.16 -18.51
N TYR B 333 -4.43 -0.02 -17.99
CA TYR B 333 -3.52 -1.15 -17.99
C TYR B 333 -4.02 -2.27 -18.90
N LEU B 334 -3.25 -2.60 -19.92
CA LEU B 334 -3.54 -3.76 -20.75
C LEU B 334 -2.52 -4.86 -20.50
N GLU B 335 -2.94 -5.89 -19.77
CA GLU B 335 -2.05 -6.99 -19.37
C GLU B 335 -1.34 -7.58 -20.58
N THR B 336 -1.98 -7.50 -21.73
CA THR B 336 -1.45 -8.13 -22.93
C THR B 336 -0.63 -7.16 -23.77
N GLU B 337 -0.43 -5.93 -23.29
CA GLU B 337 0.23 -4.91 -24.10
C GLU B 337 1.27 -4.04 -23.37
N ASP B 338 1.07 -3.80 -22.08
CA ASP B 338 1.93 -2.87 -21.35
C ASP B 338 3.11 -3.53 -20.64
N LEU B 339 3.13 -4.85 -20.62
CA LEU B 339 4.20 -5.57 -19.93
C LEU B 339 5.45 -5.78 -20.80
N VAL B 340 6.60 -5.77 -20.14
CA VAL B 340 7.88 -6.01 -20.80
C VAL B 340 8.66 -7.06 -19.99
N LYS B 341 9.72 -7.60 -20.57
CA LYS B 341 10.51 -8.61 -19.87
C LYS B 341 11.38 -7.96 -18.79
N ASN B 342 11.59 -8.69 -17.70
CA ASN B 342 12.53 -8.26 -16.67
C ASN B 342 13.91 -8.80 -17.01
N PRO B 343 14.86 -7.92 -17.34
CA PRO B 343 16.16 -8.42 -17.77
C PRO B 343 17.03 -8.94 -16.63
N TYR B 344 16.54 -8.85 -15.40
CA TYR B 344 17.33 -9.24 -14.23
C TYR B 344 17.02 -10.62 -13.69
N VAL B 345 16.07 -11.31 -14.32
CA VAL B 345 15.67 -12.64 -13.85
C VAL B 345 15.56 -13.65 -14.99
N LYS B 346 15.57 -14.93 -14.64
CA LYS B 346 15.41 -16.02 -15.58
C LYS B 346 13.92 -16.39 -15.68
N ALA B 347 13.58 -17.32 -16.56
CA ALA B 347 12.18 -17.75 -16.74
C ALA B 347 12.06 -19.26 -16.99
N SER B 348 10.88 -19.80 -16.73
CA SER B 348 10.62 -21.21 -16.97
C SER B 348 10.47 -21.45 -18.47
N ASP B 349 10.31 -22.70 -18.87
CA ASP B 349 10.11 -23.03 -20.27
C ASP B 349 8.73 -22.60 -20.77
N TRP B 350 7.85 -22.22 -19.85
CA TRP B 350 6.56 -21.65 -20.23
C TRP B 350 6.60 -20.12 -20.08
N ASP B 351 7.82 -19.59 -19.94
CA ASP B 351 8.08 -18.14 -19.91
C ASP B 351 7.61 -17.45 -18.62
N TRP B 352 7.48 -18.21 -17.54
CA TRP B 352 7.08 -17.64 -16.27
C TRP B 352 8.32 -17.18 -15.54
N GLN B 353 8.42 -15.87 -15.30
CA GLN B 353 9.64 -15.32 -14.70
C GLN B 353 9.90 -15.85 -13.29
N ILE B 354 11.15 -16.16 -13.03
CA ILE B 354 11.57 -16.71 -11.76
C ILE B 354 12.11 -15.58 -10.91
N ASP B 355 11.34 -15.22 -9.88
CA ASP B 355 11.68 -14.07 -9.05
C ASP B 355 11.32 -14.39 -7.60
N PRO B 356 12.16 -15.17 -6.93
CA PRO B 356 11.84 -15.51 -5.56
C PRO B 356 11.79 -14.29 -4.63
N GLN B 357 12.63 -13.30 -4.85
CA GLN B 357 12.56 -12.11 -4.02
C GLN B 357 11.20 -11.39 -4.14
N GLY B 358 10.55 -11.50 -5.29
CA GLY B 358 9.22 -10.96 -5.46
C GLY B 358 8.19 -11.52 -4.47
N LEU B 359 8.42 -12.73 -3.97
CA LEU B 359 7.55 -13.29 -2.95
C LEU B 359 7.69 -12.53 -1.64
N ARG B 360 8.93 -12.14 -1.32
CA ARG B 360 9.14 -11.31 -0.14
C ARG B 360 8.45 -9.95 -0.34
N TYR B 361 8.64 -9.34 -1.50
CA TYR B 361 7.91 -8.12 -1.83
C TYR B 361 6.41 -8.30 -1.66
N ALA B 362 5.87 -9.39 -2.20
CA ALA B 362 4.43 -9.65 -2.14
C ALA B 362 3.93 -9.77 -0.71
N LEU B 363 4.66 -10.52 0.12
CA LEU B 363 4.25 -10.71 1.51
C LEU B 363 4.23 -9.37 2.24
N ASN B 364 5.22 -8.53 1.95
CA ASN B 364 5.27 -7.21 2.55
C ASN B 364 4.15 -6.30 2.03
N TRP B 365 3.87 -6.39 0.74
CA TRP B 365 2.82 -5.56 0.14
C TRP B 365 1.47 -5.88 0.77
N PHE B 366 1.10 -7.15 0.85
CA PHE B 366 -0.17 -7.51 1.47
C PHE B 366 -0.20 -7.10 2.93
N THR B 367 0.91 -7.26 3.64
CA THR B 367 0.92 -6.92 5.06
C THR B 367 0.73 -5.42 5.26
N ASP B 368 1.46 -4.62 4.50
CA ASP B 368 1.43 -3.17 4.63
C ASP B 368 0.05 -2.61 4.23
N MET B 369 -0.55 -3.21 3.22
CA MET B 369 -1.86 -2.78 2.76
C MET B 369 -3.00 -3.24 3.66
N TYR B 370 -2.92 -4.46 4.18
CA TYR B 370 -4.11 -5.10 4.77
C TYR B 370 -4.02 -5.60 6.21
N HIS B 371 -2.80 -5.79 6.69
CA HIS B 371 -2.56 -6.23 8.08
C HIS B 371 -3.38 -7.43 8.50
N LEU B 372 -3.41 -8.43 7.62
CA LEU B 372 -4.06 -9.71 7.89
C LEU B 372 -3.07 -10.84 7.77
N PRO B 373 -3.38 -11.97 8.40
CA PRO B 373 -2.60 -13.20 8.16
C PRO B 373 -2.63 -13.59 6.68
N LEU B 374 -1.53 -14.16 6.20
CA LEU B 374 -1.41 -14.56 4.81
C LEU B 374 -1.14 -16.06 4.75
N PHE B 375 -1.50 -16.67 3.63
CA PHE B 375 -1.31 -18.10 3.43
C PHE B 375 -0.85 -18.26 1.99
N ILE B 376 0.38 -18.73 1.79
CA ILE B 376 0.83 -19.00 0.42
C ILE B 376 0.25 -20.34 0.04
N VAL B 377 -0.81 -20.33 -0.77
CA VAL B 377 -1.55 -21.55 -1.06
C VAL B 377 -1.25 -22.14 -2.44
N GLU B 378 -0.37 -21.48 -3.20
CA GLU B 378 0.24 -22.03 -4.41
C GLU B 378 1.63 -21.41 -4.64
N ASN B 379 2.58 -22.24 -5.04
CA ASN B 379 3.91 -21.82 -5.50
C ASN B 379 4.45 -23.07 -6.16
N GLY B 380 5.09 -22.96 -7.31
CA GLY B 380 5.56 -24.17 -7.95
C GLY B 380 6.29 -23.92 -9.25
N PHE B 381 6.98 -24.95 -9.71
CA PHE B 381 7.79 -24.85 -10.91
C PHE B 381 7.38 -25.92 -11.90
N GLY B 382 6.68 -25.50 -12.95
CA GLY B 382 6.22 -26.40 -13.98
C GLY B 382 7.35 -26.63 -14.95
N ALA B 383 7.68 -27.88 -15.16
CA ALA B 383 8.83 -28.24 -15.99
C ALA B 383 8.65 -29.62 -16.60
N ILE B 384 9.35 -29.85 -17.71
CA ILE B 384 9.43 -31.16 -18.29
C ILE B 384 10.26 -32.04 -17.36
N ASP B 385 9.77 -33.23 -17.07
CA ASP B 385 10.52 -34.18 -16.25
C ASP B 385 10.97 -35.35 -17.10
N GLN B 386 12.17 -35.84 -16.83
CA GLN B 386 12.62 -37.09 -17.44
CA GLN B 386 12.69 -37.07 -17.44
C GLN B 386 12.91 -38.09 -16.33
N VAL B 387 12.46 -39.33 -16.52
CA VAL B 387 12.73 -40.36 -15.54
C VAL B 387 14.06 -40.99 -15.88
N GLU B 388 14.99 -40.97 -14.94
CA GLU B 388 16.33 -41.50 -15.16
C GLU B 388 16.36 -43.03 -15.09
N ALA B 389 17.54 -43.59 -15.35
CA ALA B 389 17.70 -45.04 -15.37
C ALA B 389 17.46 -45.65 -14.00
N ASP B 390 17.59 -44.85 -12.95
CA ASP B 390 17.34 -45.32 -11.60
C ASP B 390 15.85 -45.32 -11.27
N GLY B 391 15.03 -44.90 -12.24
CA GLY B 391 13.59 -44.89 -12.07
C GLY B 391 13.03 -43.68 -11.36
N MET B 392 13.85 -42.65 -11.19
CA MET B 392 13.44 -41.45 -10.48
C MET B 392 13.70 -40.21 -11.32
N VAL B 393 12.82 -39.23 -11.21
CA VAL B 393 13.06 -37.93 -11.81
C VAL B 393 14.00 -37.15 -10.92
N HIS B 394 15.13 -36.70 -11.47
CA HIS B 394 16.06 -35.90 -10.70
C HIS B 394 15.78 -34.43 -10.93
N ASP B 395 14.76 -33.93 -10.24
CA ASP B 395 14.28 -32.58 -10.48
C ASP B 395 14.98 -31.55 -9.60
N ASP B 396 16.29 -31.45 -9.73
CA ASP B 396 17.04 -30.45 -9.00
C ASP B 396 16.56 -29.04 -9.34
N TYR B 397 16.09 -28.84 -10.56
CA TYR B 397 15.53 -27.53 -10.98
C TYR B 397 14.32 -27.12 -10.13
N ARG B 398 13.52 -28.10 -9.76
CA ARG B 398 12.31 -27.84 -8.99
C ARG B 398 12.65 -27.57 -7.53
N ILE B 399 13.58 -28.35 -6.99
CA ILE B 399 14.15 -28.11 -5.68
C ILE B 399 14.74 -26.72 -5.59
N ASP B 400 15.49 -26.32 -6.62
CA ASP B 400 16.12 -24.99 -6.62
C ASP B 400 15.09 -23.88 -6.60
N TYR B 401 14.06 -24.01 -7.42
CA TYR B 401 13.00 -22.99 -7.46
C TYR B 401 12.25 -22.90 -6.13
N LEU B 402 11.78 -24.03 -5.63
CA LEU B 402 10.99 -24.01 -4.41
C LEU B 402 11.80 -23.53 -3.23
N GLY B 403 13.04 -24.01 -3.12
CA GLY B 403 13.88 -23.66 -2.01
C GLY B 403 14.18 -22.17 -1.98
N ALA B 404 14.39 -21.59 -3.15
CA ALA B 404 14.67 -20.15 -3.22
C ALA B 404 13.49 -19.34 -2.71
N HIS B 405 12.27 -19.79 -3.01
CA HIS B 405 11.07 -19.10 -2.55
C HIS B 405 10.85 -19.28 -1.06
N ILE B 406 11.08 -20.49 -0.57
CA ILE B 406 11.03 -20.75 0.85
C ILE B 406 11.98 -19.82 1.61
N LYS B 407 13.21 -19.67 1.11
CA LYS B 407 14.16 -18.77 1.76
C LYS B 407 13.61 -17.35 1.88
N GLU B 408 12.98 -16.85 0.82
CA GLU B 408 12.43 -15.50 0.82
C GLU B 408 11.23 -15.35 1.77
N MET B 409 10.36 -16.37 1.81
CA MET B 409 9.22 -16.29 2.71
C MET B 409 9.69 -16.31 4.17
N ILE B 410 10.74 -17.05 4.45
CA ILE B 410 11.31 -17.08 5.80
C ILE B 410 11.88 -15.71 6.18
N LYS B 411 12.54 -15.04 5.25
CA LYS B 411 13.01 -13.68 5.51
C LYS B 411 11.83 -12.75 5.81
N ALA B 412 10.73 -12.91 5.07
CA ALA B 412 9.56 -12.06 5.33
C ALA B 412 9.02 -12.25 6.73
N VAL B 413 9.02 -13.48 7.21
CA VAL B 413 8.54 -13.75 8.56
C VAL B 413 9.55 -13.26 9.60
N ASP B 414 10.80 -13.69 9.46
CA ASP B 414 11.82 -13.48 10.47
C ASP B 414 12.35 -12.07 10.53
N GLU B 415 12.57 -11.45 9.36
CA GLU B 415 13.11 -10.11 9.32
C GLU B 415 12.02 -9.03 9.23
N ASP B 416 10.95 -9.35 8.52
CA ASP B 416 9.96 -8.34 8.19
C ASP B 416 8.71 -8.39 9.07
N GLY B 417 8.49 -9.51 9.75
CA GLY B 417 7.39 -9.62 10.69
C GLY B 417 6.01 -9.92 10.12
N VAL B 418 5.96 -10.40 8.89
CA VAL B 418 4.66 -10.75 8.31
C VAL B 418 4.06 -11.95 9.04
N GLU B 419 2.73 -12.04 9.04
CA GLU B 419 2.06 -13.19 9.64
C GLU B 419 1.74 -14.17 8.54
N LEU B 420 2.45 -15.30 8.53
CA LEU B 420 2.28 -16.30 7.49
C LEU B 420 1.80 -17.61 8.09
N MET B 421 0.64 -18.08 7.61
CA MET B 421 -0.02 -19.26 8.16
C MET B 421 0.62 -20.56 7.71
N GLY B 422 1.15 -20.57 6.49
CA GLY B 422 1.63 -21.80 5.91
C GLY B 422 2.02 -21.64 4.45
N TYR B 423 2.33 -22.76 3.83
CA TYR B 423 2.93 -22.81 2.50
C TYR B 423 2.60 -24.15 1.87
N THR B 424 1.90 -24.12 0.74
CA THR B 424 1.50 -25.35 0.05
C THR B 424 1.88 -25.31 -1.43
N PRO B 425 3.01 -25.90 -1.78
CA PRO B 425 3.40 -26.00 -3.19
C PRO B 425 2.29 -26.57 -4.06
N TRP B 426 2.15 -25.98 -5.24
CA TRP B 426 1.12 -26.36 -6.18
C TRP B 426 1.46 -27.65 -6.92
N GLY B 427 0.43 -28.45 -7.18
CA GLY B 427 0.57 -29.65 -7.99
C GLY B 427 1.55 -30.62 -7.34
N CYS B 428 1.41 -30.77 -6.03
CA CYS B 428 2.35 -31.59 -5.25
C CYS B 428 2.39 -33.05 -5.73
N ILE B 429 1.30 -33.51 -6.34
CA ILE B 429 1.28 -34.72 -7.12
C ILE B 429 0.98 -34.31 -8.58
N ASP B 430 1.72 -34.88 -9.54
CA ASP B 430 1.59 -34.44 -10.94
C ASP B 430 0.13 -34.50 -11.34
N LEU B 431 -0.37 -33.43 -11.94
CA LEU B 431 -1.76 -33.37 -12.35
C LEU B 431 -1.93 -32.63 -13.68
N VAL B 432 -3.17 -32.51 -14.14
CA VAL B 432 -3.43 -31.85 -15.42
C VAL B 432 -3.32 -30.33 -15.27
N SER B 433 -2.47 -29.69 -16.07
CA SER B 433 -2.28 -28.26 -15.91
C SER B 433 -3.51 -27.47 -16.32
N ALA B 434 -3.58 -26.23 -15.85
CA ALA B 434 -4.76 -25.39 -16.02
C ALA B 434 -4.72 -24.65 -17.35
N GLY B 435 -3.70 -23.79 -17.50
CA GLY B 435 -3.61 -22.92 -18.66
C GLY B 435 -3.56 -23.69 -19.97
N THR B 436 -2.80 -24.78 -19.99
CA THR B 436 -2.59 -25.54 -21.21
C THR B 436 -3.21 -26.94 -21.21
N GLY B 437 -3.58 -27.45 -20.04
CA GLY B 437 -4.18 -28.77 -19.97
C GLY B 437 -3.19 -29.89 -20.23
N GLU B 438 -1.93 -29.70 -19.86
CA GLU B 438 -0.88 -30.66 -20.16
C GLU B 438 -0.56 -31.55 -18.96
N MET B 439 -0.14 -32.79 -19.23
CA MET B 439 0.52 -33.58 -18.18
C MET B 439 2.01 -33.24 -18.15
N ARG B 440 2.56 -32.85 -19.30
CA ARG B 440 4.01 -32.67 -19.41
C ARG B 440 4.53 -31.48 -18.60
N LYS B 441 3.68 -30.49 -18.34
CA LYS B 441 4.08 -29.40 -17.48
C LYS B 441 3.92 -29.85 -16.06
N ARG B 442 4.94 -30.52 -15.54
CA ARG B 442 4.84 -31.19 -14.25
C ARG B 442 5.26 -30.29 -13.08
N TYR B 443 4.57 -30.46 -11.96
CA TYR B 443 4.83 -29.68 -10.76
C TYR B 443 5.19 -30.54 -9.57
N GLY B 444 4.94 -31.85 -9.67
CA GLY B 444 4.87 -32.67 -8.48
C GLY B 444 6.16 -33.05 -7.76
N PHE B 445 6.02 -33.37 -6.47
CA PHE B 445 7.01 -34.14 -5.74
C PHE B 445 6.84 -35.62 -6.07
N ILE B 446 5.67 -35.96 -6.59
CA ILE B 446 5.29 -37.33 -6.93
C ILE B 446 5.02 -37.39 -8.43
N TYR B 447 5.81 -38.20 -9.13
CA TYR B 447 5.64 -38.41 -10.55
C TYR B 447 4.44 -39.33 -10.80
N VAL B 448 3.61 -38.96 -11.77
CA VAL B 448 2.53 -39.85 -12.18
C VAL B 448 2.73 -40.27 -13.63
N ASP B 449 2.71 -41.58 -13.87
CA ASP B 449 2.96 -42.11 -15.21
C ASP B 449 1.74 -41.97 -16.11
N LYS B 450 1.57 -40.77 -16.66
CA LYS B 450 0.55 -40.52 -17.66
C LYS B 450 1.01 -39.34 -18.52
N ASP B 451 0.79 -39.45 -19.83
CA ASP B 451 1.26 -38.42 -20.75
C ASP B 451 0.11 -37.66 -21.40
N ASP B 452 0.44 -36.80 -22.35
CA ASP B 452 -0.55 -35.91 -22.95
C ASP B 452 -1.41 -36.60 -24.02
N GLU B 453 -1.09 -37.86 -24.30
CA GLU B 453 -1.92 -38.69 -25.18
C GLU B 453 -2.84 -39.58 -24.34
N GLY B 454 -2.80 -39.39 -23.02
CA GLY B 454 -3.62 -40.16 -22.12
C GLY B 454 -3.11 -41.57 -21.84
N LYS B 455 -1.85 -41.82 -22.20
CA LYS B 455 -1.29 -43.16 -22.02
C LYS B 455 -0.39 -43.24 -20.79
N GLY B 456 -0.29 -44.43 -20.23
CA GLY B 456 0.52 -44.66 -19.05
C GLY B 456 -0.16 -45.52 -18.02
N THR B 457 0.61 -45.98 -17.04
CA THR B 457 0.10 -46.87 -15.99
C THR B 457 -0.59 -46.12 -14.86
N LEU B 458 -0.34 -44.81 -14.80
CA LEU B 458 -0.80 -43.94 -13.71
C LEU B 458 -0.12 -44.25 -12.38
N LYS B 459 0.93 -45.05 -12.41
CA LYS B 459 1.68 -45.33 -11.19
C LYS B 459 2.27 -44.05 -10.62
N ARG B 460 2.26 -43.96 -9.29
CA ARG B 460 2.93 -42.89 -8.56
C ARG B 460 4.32 -43.30 -8.10
N SER B 461 5.28 -42.39 -8.21
CA SER B 461 6.64 -42.61 -7.74
CA SER B 461 6.63 -42.62 -7.72
C SER B 461 7.25 -41.31 -7.25
N PRO B 462 8.06 -41.38 -6.18
CA PRO B 462 8.69 -40.16 -5.66
C PRO B 462 9.74 -39.62 -6.64
N LYS B 463 9.82 -38.30 -6.75
CA LYS B 463 10.93 -37.66 -7.46
C LYS B 463 12.00 -37.30 -6.43
N LEU B 464 13.15 -36.82 -6.91
CA LEU B 464 14.19 -36.34 -6.00
C LEU B 464 13.64 -35.32 -5.00
N SER B 465 12.70 -34.47 -5.45
CA SER B 465 12.16 -33.41 -4.60
C SER B 465 11.31 -33.92 -3.43
N PHE B 466 10.87 -35.18 -3.52
CA PHE B 466 10.02 -35.79 -2.49
C PHE B 466 10.76 -35.83 -1.15
N ASN B 467 11.92 -36.49 -1.11
CA ASN B 467 12.65 -36.55 0.15
CA ASN B 467 12.70 -36.55 0.13
C ASN B 467 13.18 -35.18 0.56
N TRP B 468 13.51 -34.34 -0.43
CA TRP B 468 13.92 -32.98 -0.13
C TRP B 468 12.83 -32.23 0.66
N TYR B 469 11.59 -32.28 0.17
CA TYR B 469 10.53 -31.56 0.85
C TYR B 469 10.23 -32.20 2.20
N LYS B 470 10.35 -33.53 2.28
CA LYS B 470 10.21 -34.21 3.55
C LYS B 470 11.16 -33.62 4.58
N GLU B 471 12.41 -33.36 4.17
CA GLU B 471 13.38 -32.81 5.11
CA GLU B 471 13.39 -32.81 5.09
C GLU B 471 13.17 -31.32 5.38
N VAL B 472 12.58 -30.60 4.43
CA VAL B 472 12.19 -29.23 4.69
C VAL B 472 11.16 -29.19 5.82
N ILE B 473 10.09 -29.97 5.68
CA ILE B 473 9.05 -29.99 6.69
C ILE B 473 9.59 -30.43 8.05
N ALA B 474 10.39 -31.50 8.07
CA ALA B 474 10.90 -32.04 9.33
C ALA B 474 11.77 -31.06 10.09
N SER B 475 12.49 -30.22 9.35
CA SER B 475 13.35 -29.18 9.93
C SER B 475 12.62 -27.85 10.11
N ASN B 476 11.32 -27.85 9.82
CA ASN B 476 10.52 -26.62 9.80
C ASN B 476 11.16 -25.48 9.01
N GLY B 477 11.84 -25.84 7.91
CA GLY B 477 12.42 -24.85 7.03
C GLY B 477 13.87 -24.50 7.30
N ASP B 478 14.48 -25.15 8.27
CA ASP B 478 15.90 -24.90 8.58
C ASP B 478 16.83 -25.57 7.58
N ASP B 479 16.42 -26.71 7.04
CA ASP B 479 17.23 -27.45 6.08
C ASP B 479 16.65 -27.39 4.66
N ILE B 480 17.22 -26.53 3.83
CA ILE B 480 16.73 -26.34 2.47
C ILE B 480 17.82 -26.68 1.45
#